data_4MUD
#
_entry.id   4MUD
#
_cell.length_a   52.730
_cell.length_b   64.250
_cell.length_c   77.010
_cell.angle_alpha   80.290
_cell.angle_beta   70.080
_cell.angle_gamma   86.420
#
_symmetry.space_group_name_H-M   'P 1'
#
loop_
_entity.id
_entity.type
_entity.pdbx_description
1 polymer 'Ring oxydation complex/ phenylacetic acid degradation related protein'
2 non-polymer 1,2-ETHANEDIOL
3 water water
#
_entity_poly.entity_id   1
_entity_poly.type   'polypeptide(L)'
_entity_poly.pdbx_seq_one_letter_code
;G(MSE)QKLRSVKEVPQDLTNTLVNIIELRADFELA(MSE)VEQYSPWLVNAPTVDSRLFVAKLVSDELNHGWQLVRLLE
EFKVKDVIERISNARLGIHKLEVSNLPLFNWEDVIAFTFLVDGAGLYQLKILKDCSFEPLSTLASS(MSE)IKEEESHIF
FSQNELRNYQNKNR(MSE)QGAINFWFPRAVE(MSE)LH(MSE)TWSLNETHLRDLNISDLTKNDLINGYIKTTNEELKK
CGYNEVNYDKALHYNVVLK
;
_entity_poly.pdbx_strand_id   A,B,C,D
#
# COMPACT_ATOMS: atom_id res chain seq x y z
N GLN A 3 27.98 -19.35 27.58
CA GLN A 3 28.55 -18.86 26.32
C GLN A 3 27.57 -19.16 25.18
N LYS A 4 27.39 -18.19 24.26
CA LYS A 4 26.50 -18.31 23.10
C LYS A 4 27.22 -18.94 21.91
N LEU A 5 26.41 -19.51 21.00
CA LEU A 5 26.84 -20.13 19.75
C LEU A 5 26.24 -19.29 18.62
N ARG A 6 27.04 -18.34 18.12
CA ARG A 6 26.62 -17.36 17.10
C ARG A 6 26.43 -17.95 15.71
N SER A 7 27.15 -19.02 15.38
CA SER A 7 27.17 -19.62 14.06
C SER A 7 27.14 -21.15 14.14
N VAL A 8 26.99 -21.80 12.97
CA VAL A 8 27.01 -23.26 12.82
C VAL A 8 28.46 -23.75 13.07
N LYS A 9 29.48 -22.93 12.71
CA LYS A 9 30.91 -23.21 12.88
C LYS A 9 31.26 -23.38 14.37
N GLU A 10 30.53 -22.66 15.24
CA GLU A 10 30.70 -22.67 16.68
C GLU A 10 29.95 -23.83 17.35
N VAL A 11 29.08 -24.53 16.60
CA VAL A 11 28.31 -25.66 17.13
C VAL A 11 29.11 -26.98 16.97
N PRO A 12 29.44 -27.68 18.08
CA PRO A 12 30.14 -28.97 17.96
C PRO A 12 29.27 -30.00 17.23
N GLN A 13 29.89 -30.88 16.43
CA GLN A 13 29.22 -31.92 15.61
C GLN A 13 28.22 -32.76 16.42
N ASP A 14 28.55 -33.04 17.70
CA ASP A 14 27.73 -33.77 18.66
C ASP A 14 26.34 -33.10 18.86
N LEU A 15 26.29 -31.75 18.84
CA LEU A 15 25.06 -30.97 19.03
C LEU A 15 24.24 -30.72 17.77
N THR A 16 24.82 -30.87 16.57
CA THR A 16 24.16 -30.53 15.29
C THR A 16 22.86 -31.30 15.06
N ASN A 17 22.86 -32.63 15.19
CA ASN A 17 21.68 -33.48 14.98
C ASN A 17 20.51 -33.09 15.87
N THR A 18 20.73 -32.82 17.17
CA THR A 18 19.68 -32.41 18.11
C THR A 18 19.16 -31.02 17.74
N LEU A 19 20.06 -30.08 17.46
CA LEU A 19 19.72 -28.71 17.08
C LEU A 19 18.92 -28.69 15.76
N VAL A 20 19.36 -29.49 14.75
CA VAL A 20 18.66 -29.62 13.48
C VAL A 20 17.25 -30.18 13.73
N ASN A 21 17.14 -31.28 14.52
CA ASN A 21 15.86 -31.90 14.84
C ASN A 21 14.91 -30.91 15.55
N ILE A 22 15.41 -30.08 16.47
CA ILE A 22 14.63 -29.05 17.18
C ILE A 22 14.03 -28.03 16.15
N ILE A 23 14.89 -27.53 15.23
CA ILE A 23 14.48 -26.54 14.21
C ILE A 23 13.51 -27.19 13.21
N GLU A 24 13.78 -28.44 12.78
CA GLU A 24 12.95 -29.22 11.86
C GLU A 24 11.54 -29.41 12.45
N LEU A 25 11.45 -29.84 13.72
CA LEU A 25 10.18 -30.09 14.43
C LEU A 25 9.35 -28.81 14.51
N ARG A 26 9.99 -27.67 14.82
CA ARG A 26 9.31 -26.38 14.90
C ARG A 26 8.86 -25.93 13.50
N ALA A 27 9.73 -26.06 12.47
CA ALA A 27 9.38 -25.70 11.08
C ALA A 27 8.17 -26.52 10.59
N ASP A 28 8.14 -27.86 10.86
CA ASP A 28 7.06 -28.76 10.45
C ASP A 28 5.73 -28.42 11.12
N PHE A 29 5.78 -28.08 12.42
CA PHE A 29 4.61 -27.73 13.22
C PHE A 29 3.90 -26.47 12.65
N GLU A 30 4.68 -25.44 12.35
CA GLU A 30 4.17 -24.17 11.85
C GLU A 30 3.71 -24.25 10.40
N LEU A 31 4.43 -25.01 9.55
CA LEU A 31 4.01 -25.16 8.17
C LEU A 31 2.76 -26.03 8.07
N ALA A 32 2.56 -26.98 9.01
CA ALA A 32 1.33 -27.78 9.06
C ALA A 32 0.13 -26.90 9.38
N VAL A 34 -0.35 -23.93 8.38
CA VAL A 34 -0.72 -23.28 7.12
C VAL A 34 -1.83 -24.12 6.45
N GLU A 35 -1.64 -25.47 6.35
CA GLU A 35 -2.63 -26.40 5.78
C GLU A 35 -3.89 -26.49 6.61
N GLN A 36 -3.74 -26.50 7.95
CA GLN A 36 -4.86 -26.66 8.89
C GLN A 36 -5.76 -25.43 8.93
N TYR A 37 -5.20 -24.21 8.86
CA TYR A 37 -5.94 -22.95 8.93
C TYR A 37 -6.40 -22.41 7.57
N SER A 38 -5.74 -22.79 6.46
CA SER A 38 -6.07 -22.30 5.12
C SER A 38 -7.58 -22.40 4.71
N PRO A 39 -8.36 -23.49 5.00
CA PRO A 39 -9.77 -23.48 4.58
C PRO A 39 -10.61 -22.36 5.21
N TRP A 40 -10.17 -21.85 6.37
CA TRP A 40 -10.86 -20.83 7.15
C TRP A 40 -10.63 -19.41 6.65
N LEU A 41 -9.82 -19.21 5.59
CA LEU A 41 -9.65 -17.88 4.96
C LEU A 41 -10.94 -17.44 4.29
N VAL A 42 -11.73 -18.44 3.87
CA VAL A 42 -13.01 -18.28 3.18
C VAL A 42 -14.18 -18.64 4.11
N ASN A 43 -14.02 -19.64 4.99
CA ASN A 43 -15.13 -20.16 5.78
C ASN A 43 -15.27 -19.69 7.23
N ALA A 44 -14.35 -18.83 7.75
CA ALA A 44 -14.48 -18.32 9.13
C ALA A 44 -15.82 -17.57 9.27
N PRO A 45 -16.51 -17.64 10.44
CA PRO A 45 -17.89 -17.09 10.53
C PRO A 45 -18.07 -15.58 10.35
N THR A 46 -17.05 -14.76 10.67
CA THR A 46 -17.15 -13.29 10.54
C THR A 46 -15.99 -12.76 9.70
N VAL A 47 -16.08 -11.48 9.32
CA VAL A 47 -15.05 -10.79 8.54
C VAL A 47 -13.76 -10.69 9.37
N ASP A 48 -13.83 -10.21 10.64
CA ASP A 48 -12.68 -10.10 11.54
C ASP A 48 -11.96 -11.44 11.74
N SER A 49 -12.72 -12.55 11.80
CA SER A 49 -12.22 -13.92 11.96
C SER A 49 -11.37 -14.34 10.75
N ARG A 50 -11.88 -14.07 9.52
CA ARG A 50 -11.22 -14.35 8.26
C ARG A 50 -9.92 -13.56 8.14
N LEU A 51 -9.95 -12.29 8.61
CA LEU A 51 -8.78 -11.40 8.62
C LEU A 51 -7.72 -11.91 9.58
N PHE A 52 -8.13 -12.47 10.73
CA PHE A 52 -7.21 -13.05 11.72
C PHE A 52 -6.53 -14.32 11.17
N VAL A 53 -7.31 -15.20 10.49
CA VAL A 53 -6.83 -16.45 9.90
C VAL A 53 -5.76 -16.09 8.86
N ALA A 54 -5.95 -15.01 8.08
CA ALA A 54 -4.99 -14.52 7.10
C ALA A 54 -3.69 -14.10 7.78
N LYS A 55 -3.79 -13.41 8.95
CA LYS A 55 -2.63 -12.95 9.73
CA LYS A 55 -2.64 -12.95 9.74
C LYS A 55 -1.86 -14.14 10.31
N LEU A 56 -2.57 -15.11 10.92
CA LEU A 56 -1.96 -16.30 11.51
C LEU A 56 -1.25 -17.14 10.43
N VAL A 57 -1.91 -17.38 9.27
CA VAL A 57 -1.36 -18.13 8.12
C VAL A 57 -0.07 -17.44 7.63
N SER A 58 -0.11 -16.11 7.49
CA SER A 58 1.02 -15.28 7.07
C SER A 58 2.17 -15.41 8.08
N ASP A 59 1.86 -15.30 9.40
CA ASP A 59 2.81 -15.41 10.51
C ASP A 59 3.50 -16.77 10.54
N GLU A 60 2.71 -17.87 10.52
CA GLU A 60 3.24 -19.23 10.58
C GLU A 60 4.06 -19.60 9.35
N LEU A 61 3.66 -19.14 8.16
CA LEU A 61 4.38 -19.40 6.92
C LEU A 61 5.74 -18.67 6.92
N ASN A 62 5.76 -17.40 7.35
CA ASN A 62 6.98 -16.60 7.47
C ASN A 62 7.88 -17.17 8.59
N HIS A 63 7.31 -17.52 9.78
CA HIS A 63 8.07 -18.16 10.87
C HIS A 63 8.73 -19.45 10.33
N GLY A 64 7.89 -20.33 9.77
CA GLY A 64 8.27 -21.62 9.19
C GLY A 64 9.41 -21.59 8.19
N TRP A 65 9.38 -20.66 7.24
N TRP A 65 9.37 -20.63 7.22
CA TRP A 65 10.44 -20.60 6.22
CA TRP A 65 10.40 -20.46 6.19
C TRP A 65 11.71 -19.86 6.72
C TRP A 65 11.72 -19.93 6.79
N GLN A 66 11.61 -19.09 7.83
CA GLN A 66 12.75 -18.47 8.51
C GLN A 66 13.49 -19.54 9.30
N LEU A 67 12.76 -20.55 9.78
CA LEU A 67 13.33 -21.70 10.49
C LEU A 67 14.06 -22.62 9.51
N VAL A 68 13.43 -22.92 8.36
CA VAL A 68 14.00 -23.74 7.28
C VAL A 68 15.27 -23.03 6.72
N ARG A 69 15.26 -21.68 6.63
CA ARG A 69 16.42 -20.91 6.15
C ARG A 69 17.59 -21.07 7.13
N LEU A 70 17.30 -21.28 8.45
CA LEU A 70 18.33 -21.55 9.46
C LEU A 70 19.02 -22.88 9.18
N LEU A 71 18.28 -23.86 8.66
CA LEU A 71 18.76 -25.21 8.36
C LEU A 71 19.71 -25.25 7.17
N GLU A 72 19.61 -24.27 6.23
CA GLU A 72 20.47 -24.14 5.04
C GLU A 72 21.93 -24.00 5.42
N GLU A 73 22.18 -23.43 6.60
CA GLU A 73 23.52 -23.20 7.17
C GLU A 73 24.08 -24.49 7.81
N PHE A 74 23.25 -25.54 7.96
CA PHE A 74 23.65 -26.80 8.58
C PHE A 74 23.97 -27.91 7.57
N LYS A 75 23.75 -27.66 6.25
CA LYS A 75 24.00 -28.60 5.14
C LYS A 75 23.20 -29.91 5.37
N VAL A 76 21.85 -29.76 5.45
CA VAL A 76 20.89 -30.84 5.67
C VAL A 76 19.77 -30.75 4.61
N LYS A 77 20.16 -30.84 3.31
CA LYS A 77 19.30 -30.72 2.14
C LYS A 77 18.13 -31.76 2.13
N ASP A 78 18.36 -32.98 2.64
CA ASP A 78 17.36 -34.05 2.73
C ASP A 78 16.27 -33.71 3.77
N VAL A 79 16.68 -33.05 4.88
CA VAL A 79 15.77 -32.61 5.95
C VAL A 79 14.90 -31.48 5.41
N ILE A 80 15.52 -30.48 4.73
CA ILE A 80 14.81 -29.34 4.12
C ILE A 80 13.78 -29.84 3.08
N GLU A 81 14.16 -30.82 2.22
CA GLU A 81 13.28 -31.37 1.20
C GLU A 81 12.10 -32.15 1.83
N ARG A 82 12.34 -32.85 2.95
CA ARG A 82 11.32 -33.59 3.70
C ARG A 82 10.28 -32.61 4.32
N ILE A 83 10.76 -31.47 4.85
CA ILE A 83 9.90 -30.43 5.43
C ILE A 83 9.04 -29.80 4.32
N SER A 84 9.64 -29.49 3.17
CA SER A 84 8.98 -28.86 2.02
C SER A 84 7.90 -29.74 1.41
N ASN A 85 8.10 -31.07 1.41
CA ASN A 85 7.14 -32.02 0.83
C ASN A 85 6.12 -32.52 1.83
N ALA A 86 6.26 -32.14 3.11
CA ALA A 86 5.34 -32.60 4.14
C ALA A 86 3.95 -32.01 3.93
N ARG A 87 2.95 -32.90 4.00
CA ARG A 87 1.52 -32.58 3.88
C ARG A 87 0.79 -33.32 4.98
N LEU A 88 -0.51 -33.00 5.19
CA LEU A 88 -1.38 -33.66 6.16
C LEU A 88 -1.33 -35.19 5.97
N GLY A 89 -0.92 -35.88 7.03
CA GLY A 89 -0.74 -37.32 7.02
C GLY A 89 0.70 -37.77 7.20
N ILE A 90 1.69 -36.90 6.91
CA ILE A 90 3.12 -37.24 7.01
C ILE A 90 3.89 -36.18 7.83
N HIS A 91 3.16 -35.35 8.62
CA HIS A 91 3.80 -34.40 9.54
C HIS A 91 4.28 -35.21 10.76
N LYS A 92 5.28 -34.70 11.50
CA LYS A 92 5.86 -35.43 12.63
C LYS A 92 4.84 -35.66 13.76
N LEU A 93 4.17 -34.59 14.20
CA LEU A 93 3.19 -34.66 15.28
C LEU A 93 1.82 -35.09 14.80
N GLU A 94 1.13 -35.92 15.61
CA GLU A 94 -0.24 -36.40 15.35
C GLU A 94 -1.21 -35.21 15.25
N VAL A 95 -1.02 -34.19 16.10
CA VAL A 95 -1.82 -32.98 16.17
C VAL A 95 -1.67 -32.12 14.88
N SER A 96 -0.57 -32.31 14.14
CA SER A 96 -0.27 -31.61 12.89
C SER A 96 -0.93 -32.33 11.70
N ASN A 97 -1.42 -33.58 11.91
CA ASN A 97 -2.05 -34.37 10.86
C ASN A 97 -3.57 -34.39 11.00
N LEU A 98 -4.11 -33.51 11.86
CA LEU A 98 -5.54 -33.43 12.11
C LEU A 98 -6.11 -32.17 11.50
N PRO A 99 -7.09 -32.27 10.57
CA PRO A 99 -7.69 -31.05 10.00
C PRO A 99 -8.60 -30.36 11.01
N LEU A 100 -8.85 -29.06 10.82
CA LEU A 100 -9.72 -28.28 11.69
C LEU A 100 -11.03 -28.11 10.93
N PHE A 101 -11.94 -29.10 11.12
CA PHE A 101 -13.21 -29.17 10.37
C PHE A 101 -14.25 -28.14 10.78
N ASN A 102 -14.31 -27.80 12.07
CA ASN A 102 -15.28 -26.85 12.60
C ASN A 102 -14.58 -25.65 13.22
N TRP A 103 -15.29 -24.52 13.35
CA TRP A 103 -14.74 -23.28 13.90
C TRP A 103 -14.29 -23.45 15.37
N GLU A 104 -14.99 -24.28 16.17
CA GLU A 104 -14.62 -24.53 17.56
C GLU A 104 -13.29 -25.31 17.63
N ASP A 105 -12.95 -26.09 16.58
CA ASP A 105 -11.66 -26.79 16.49
C ASP A 105 -10.52 -25.79 16.25
N VAL A 106 -10.80 -24.73 15.48
CA VAL A 106 -9.85 -23.63 15.18
C VAL A 106 -9.53 -22.89 16.46
N ILE A 107 -10.58 -22.54 17.24
CA ILE A 107 -10.45 -21.83 18.52
C ILE A 107 -9.67 -22.68 19.51
N ALA A 108 -10.13 -23.93 19.77
CA ALA A 108 -9.48 -24.84 20.71
C ALA A 108 -8.06 -25.17 20.29
N PHE A 109 -7.79 -25.38 18.98
CA PHE A 109 -6.43 -25.65 18.49
C PHE A 109 -5.50 -24.45 18.75
N THR A 110 -5.96 -23.22 18.46
CA THR A 110 -5.18 -22.00 18.63
C THR A 110 -4.86 -21.79 20.11
N PHE A 111 -5.88 -21.88 20.97
CA PHE A 111 -5.73 -21.68 22.40
C PHE A 111 -4.90 -22.78 23.08
N LEU A 112 -5.14 -24.05 22.73
CA LEU A 112 -4.49 -25.17 23.41
C LEU A 112 -3.21 -25.68 22.75
N VAL A 113 -3.20 -25.94 21.43
CA VAL A 113 -2.06 -26.53 20.73
C VAL A 113 -1.02 -25.46 20.41
N ASP A 114 -1.47 -24.35 19.81
CA ASP A 114 -0.62 -23.21 19.52
C ASP A 114 -0.18 -22.57 20.88
N GLY A 115 -1.04 -22.69 21.89
CA GLY A 115 -0.79 -22.28 23.27
C GLY A 115 0.36 -23.04 23.90
N ALA A 116 0.35 -24.38 23.75
CA ALA A 116 1.39 -25.31 24.23
C ALA A 116 2.71 -25.08 23.50
N GLY A 117 2.65 -24.74 22.20
CA GLY A 117 3.81 -24.41 21.39
C GLY A 117 4.50 -23.12 21.82
N LEU A 118 3.72 -22.18 22.40
CA LEU A 118 4.23 -20.92 22.92
C LEU A 118 5.03 -21.18 24.23
N TYR A 119 4.61 -22.17 25.04
CA TYR A 119 5.34 -22.59 26.24
C TYR A 119 6.76 -23.09 25.89
N GLN A 120 6.86 -23.84 24.78
CA GLN A 120 8.13 -24.37 24.25
C GLN A 120 8.98 -23.25 23.66
N LEU A 121 8.34 -22.32 22.91
CA LEU A 121 8.98 -21.16 22.27
C LEU A 121 9.63 -20.25 23.32
N LYS A 122 8.99 -20.09 24.49
CA LYS A 122 9.50 -19.28 25.60
C LYS A 122 10.74 -19.94 26.25
N ILE A 123 10.90 -21.26 26.06
CA ILE A 123 12.09 -21.98 26.53
C ILE A 123 13.22 -21.78 25.48
N LEU A 124 12.88 -21.89 24.17
CA LEU A 124 13.81 -21.76 23.05
C LEU A 124 14.41 -20.33 22.94
N LYS A 125 13.74 -19.31 23.51
CA LYS A 125 14.23 -17.94 23.49
C LYS A 125 15.55 -17.80 24.31
N ASP A 126 15.85 -18.82 25.16
CA ASP A 126 17.03 -18.88 26.02
C ASP A 126 18.07 -19.91 25.52
N CYS A 127 17.87 -20.47 24.30
CA CYS A 127 18.76 -21.42 23.65
C CYS A 127 20.14 -20.79 23.44
N SER A 128 21.22 -21.55 23.66
CA SER A 128 22.62 -21.09 23.51
C SER A 128 22.96 -20.75 22.05
N PHE A 129 22.19 -21.32 21.10
CA PHE A 129 22.37 -21.06 19.68
C PHE A 129 21.61 -19.80 19.33
N GLU A 130 22.35 -18.69 19.21
CA GLU A 130 21.91 -17.32 18.93
C GLU A 130 20.92 -17.22 17.72
N PRO A 131 21.17 -17.82 16.52
CA PRO A 131 20.19 -17.67 15.42
C PRO A 131 18.79 -18.21 15.75
N LEU A 132 18.69 -19.28 16.59
CA LEU A 132 17.42 -19.87 17.00
C LEU A 132 16.77 -19.10 18.14
N SER A 133 17.55 -18.69 19.16
CA SER A 133 17.01 -17.91 20.30
C SER A 133 16.46 -16.55 19.84
N THR A 134 17.13 -15.90 18.87
CA THR A 134 16.72 -14.61 18.32
C THR A 134 15.40 -14.79 17.55
N LEU A 135 15.33 -15.86 16.74
CA LEU A 135 14.15 -16.19 15.94
C LEU A 135 12.96 -16.56 16.84
N ALA A 136 13.19 -17.32 17.93
CA ALA A 136 12.15 -17.70 18.88
C ALA A 136 11.61 -16.47 19.63
N SER A 137 12.50 -15.55 20.06
CA SER A 137 12.14 -14.31 20.77
C SER A 137 11.23 -13.39 19.93
N SER A 138 11.54 -13.23 18.63
CA SER A 138 10.78 -12.36 17.71
C SER A 138 9.40 -12.92 17.37
N ILE A 140 7.37 -14.71 19.62
CA ILE A 140 6.56 -14.72 20.85
C ILE A 140 5.38 -13.73 20.79
N LYS A 141 5.64 -12.48 20.35
CA LYS A 141 4.63 -11.43 20.26
C LYS A 141 3.49 -11.84 19.29
N GLU A 142 3.84 -12.42 18.12
CA GLU A 142 2.87 -12.87 17.11
C GLU A 142 2.03 -14.03 17.65
N GLU A 143 2.65 -15.00 18.37
CA GLU A 143 1.94 -16.13 18.96
C GLU A 143 1.03 -15.70 20.10
N GLU A 144 1.43 -14.69 20.90
CA GLU A 144 0.62 -14.15 21.99
C GLU A 144 -0.67 -13.48 21.48
N SER A 145 -0.63 -12.90 20.26
CA SER A 145 -1.81 -12.28 19.63
C SER A 145 -2.78 -13.36 19.15
N HIS A 146 -2.27 -14.55 18.79
CA HIS A 146 -3.08 -15.69 18.40
C HIS A 146 -3.87 -16.20 19.62
N ILE A 147 -3.21 -16.28 20.81
CA ILE A 147 -3.82 -16.75 22.06
C ILE A 147 -4.89 -15.75 22.52
N PHE A 148 -4.59 -14.43 22.46
CA PHE A 148 -5.47 -13.34 22.84
C PHE A 148 -6.78 -13.42 22.05
N PHE A 149 -6.69 -13.62 20.71
CA PHE A 149 -7.82 -13.77 19.80
C PHE A 149 -8.67 -14.98 20.18
N SER A 150 -8.04 -16.16 20.37
CA SER A 150 -8.71 -17.41 20.73
C SER A 150 -9.42 -17.29 22.11
N GLN A 151 -8.82 -16.55 23.06
CA GLN A 151 -9.41 -16.30 24.40
C GLN A 151 -10.70 -15.52 24.28
N ASN A 152 -10.73 -14.54 23.36
CA ASN A 152 -11.88 -13.70 23.07
C ASN A 152 -12.95 -14.52 22.36
N GLU A 153 -12.56 -15.40 21.44
CA GLU A 153 -13.48 -16.30 20.73
C GLU A 153 -14.12 -17.29 21.71
N LEU A 154 -13.36 -17.74 22.74
CA LEU A 154 -13.86 -18.65 23.77
C LEU A 154 -14.98 -18.01 24.60
N ARG A 155 -14.74 -16.79 25.09
CA ARG A 155 -15.71 -16.01 25.88
C ARG A 155 -17.00 -15.71 25.09
N ASN A 156 -16.87 -15.34 23.81
CA ASN A 156 -17.97 -14.97 22.92
C ASN A 156 -18.72 -16.14 22.29
N TYR A 157 -18.18 -17.38 22.34
CA TYR A 157 -18.82 -18.56 21.73
C TYR A 157 -20.17 -18.83 22.43
N GLN A 158 -21.23 -18.99 21.64
CA GLN A 158 -22.60 -19.17 22.14
C GLN A 158 -22.90 -20.59 22.58
N ASN A 159 -22.57 -21.60 21.74
CA ASN A 159 -22.80 -23.01 22.08
C ASN A 159 -21.65 -23.51 22.96
N LYS A 160 -21.70 -23.16 24.26
CA LYS A 160 -20.71 -23.48 25.28
C LYS A 160 -20.46 -25.01 25.42
N ASN A 161 -21.52 -25.83 25.20
CA ASN A 161 -21.44 -27.28 25.28
CA ASN A 161 -21.44 -27.28 25.28
C ASN A 161 -20.62 -27.84 24.11
N ARG A 162 -20.79 -27.27 22.89
CA ARG A 162 -20.08 -27.66 21.67
C ARG A 162 -18.60 -27.23 21.76
N GLN A 164 -16.96 -26.81 24.71
CA GLN A 164 -16.38 -27.68 25.74
C GLN A 164 -15.91 -29.00 25.14
N GLY A 165 -16.70 -29.57 24.21
CA GLY A 165 -16.41 -30.81 23.49
C GLY A 165 -15.11 -30.72 22.69
N ALA A 166 -14.85 -29.55 22.08
CA ALA A 166 -13.65 -29.25 21.31
C ALA A 166 -12.45 -29.09 22.25
N ILE A 167 -12.65 -28.41 23.41
CA ILE A 167 -11.63 -28.24 24.45
C ILE A 167 -11.23 -29.61 24.99
N ASN A 168 -12.22 -30.47 25.30
CA ASN A 168 -12.00 -31.82 25.84
C ASN A 168 -11.26 -32.74 24.86
N PHE A 169 -11.36 -32.44 23.54
CA PHE A 169 -10.68 -33.21 22.49
C PHE A 169 -9.21 -32.77 22.32
N TRP A 170 -8.97 -31.45 22.20
CA TRP A 170 -7.66 -30.88 21.92
C TRP A 170 -6.74 -30.73 23.14
N PHE A 171 -7.29 -30.55 24.36
CA PHE A 171 -6.48 -30.39 25.57
C PHE A 171 -5.53 -31.62 25.79
N PRO A 172 -6.00 -32.89 25.81
CA PRO A 172 -5.06 -34.01 26.03
C PRO A 172 -4.04 -34.18 24.90
N ARG A 173 -4.41 -33.78 23.67
CA ARG A 173 -3.54 -33.86 22.50
C ARG A 173 -2.41 -32.83 22.58
N ALA A 174 -2.69 -31.64 23.15
CA ALA A 174 -1.71 -30.58 23.41
C ALA A 174 -0.72 -31.05 24.48
N VAL A 175 -1.20 -31.75 25.52
CA VAL A 175 -0.40 -32.33 26.61
C VAL A 175 0.52 -33.43 26.03
N GLU A 176 -0.04 -34.33 25.16
CA GLU A 176 0.73 -35.41 24.50
C GLU A 176 1.81 -34.81 23.59
N LEU A 178 3.46 -31.98 24.06
CA LEU A 178 4.53 -31.49 24.94
C LEU A 178 5.48 -32.60 25.39
N HIS A 179 5.00 -33.85 25.42
CA HIS A 179 5.78 -35.03 25.80
C HIS A 179 6.68 -35.54 24.67
N THR A 181 9.05 -34.15 23.09
CA THR A 181 10.45 -33.71 23.16
C THR A 181 11.27 -34.63 24.06
N TRP A 182 10.59 -35.45 24.88
CA TRP A 182 11.20 -36.33 25.88
C TRP A 182 12.11 -37.42 25.28
N SER A 183 12.11 -37.59 23.94
CA SER A 183 12.97 -38.55 23.23
C SER A 183 14.30 -37.89 22.85
N LEU A 184 14.39 -36.54 22.92
CA LEU A 184 15.61 -35.80 22.61
C LEU A 184 16.68 -36.03 23.66
N ASN A 185 17.97 -35.96 23.25
CA ASN A 185 19.15 -36.16 24.08
C ASN A 185 19.21 -35.10 25.16
N GLU A 186 19.12 -35.53 26.44
CA GLU A 186 19.11 -34.68 27.63
C GLU A 186 20.44 -33.93 27.78
N THR A 187 21.59 -34.58 27.47
CA THR A 187 22.92 -33.97 27.55
C THR A 187 23.02 -32.82 26.53
N HIS A 188 22.49 -33.03 25.31
CA HIS A 188 22.48 -32.05 24.22
C HIS A 188 21.57 -30.86 24.55
N LEU A 189 20.46 -31.11 25.26
CA LEU A 189 19.51 -30.06 25.66
C LEU A 189 20.10 -29.16 26.73
N ARG A 190 20.90 -29.73 27.66
CA ARG A 190 21.59 -28.98 28.72
C ARG A 190 22.68 -28.10 28.11
N ASP A 191 23.42 -28.63 27.12
CA ASP A 191 24.46 -27.90 26.37
C ASP A 191 23.87 -26.74 25.56
N LEU A 192 22.60 -26.88 25.12
CA LEU A 192 21.88 -25.87 24.36
C LEU A 192 21.02 -24.98 25.27
N ASN A 193 21.07 -25.21 26.61
CA ASN A 193 20.36 -24.47 27.66
C ASN A 193 18.83 -24.51 27.44
N ILE A 194 18.29 -25.67 27.04
CA ILE A 194 16.84 -25.82 26.78
C ILE A 194 16.29 -27.12 27.40
N SER A 195 16.94 -27.63 28.47
CA SER A 195 16.55 -28.85 29.18
C SER A 195 15.15 -28.73 29.82
N ASP A 196 14.65 -27.49 30.05
CA ASP A 196 13.30 -27.20 30.58
C ASP A 196 12.18 -27.79 29.72
N LEU A 197 12.45 -28.01 28.41
CA LEU A 197 11.50 -28.60 27.44
C LEU A 197 10.96 -29.96 27.87
N THR A 198 11.84 -30.81 28.47
CA THR A 198 11.54 -32.20 28.85
C THR A 198 11.22 -32.38 30.33
N LYS A 199 11.12 -31.29 31.11
CA LYS A 199 10.81 -31.46 32.52
CA LYS A 199 10.80 -31.42 32.53
C LYS A 199 9.28 -31.46 32.72
N ASN A 200 8.81 -32.18 33.76
CA ASN A 200 7.39 -32.34 34.10
C ASN A 200 6.73 -31.04 34.56
N ASP A 201 7.55 -30.08 35.03
CA ASP A 201 7.11 -28.78 35.54
C ASP A 201 6.45 -27.95 34.44
N LEU A 202 6.98 -28.05 33.20
CA LEU A 202 6.44 -27.37 32.02
C LEU A 202 5.03 -27.89 31.73
N ILE A 203 4.85 -29.22 31.74
CA ILE A 203 3.57 -29.87 31.49
C ILE A 203 2.60 -29.58 32.66
N ASN A 204 3.06 -29.69 33.92
CA ASN A 204 2.21 -29.39 35.08
C ASN A 204 1.78 -27.92 35.12
N GLY A 205 2.70 -27.01 34.77
CA GLY A 205 2.45 -25.58 34.69
C GLY A 205 1.51 -25.22 33.56
N TYR A 206 1.65 -25.92 32.41
CA TYR A 206 0.77 -25.74 31.26
C TYR A 206 -0.66 -26.16 31.63
N ILE A 207 -0.84 -27.37 32.23
CA ILE A 207 -2.16 -27.87 32.62
C ILE A 207 -2.83 -26.92 33.63
N LYS A 208 -2.09 -26.53 34.69
CA LYS A 208 -2.58 -25.65 35.75
C LYS A 208 -3.04 -24.28 35.21
N THR A 209 -2.17 -23.58 34.46
CA THR A 209 -2.46 -22.26 33.91
C THR A 209 -3.61 -22.32 32.89
N THR A 210 -3.59 -23.30 31.97
CA THR A 210 -4.62 -23.49 30.95
C THR A 210 -5.99 -23.75 31.60
N ASN A 211 -6.05 -24.63 32.63
CA ASN A 211 -7.31 -24.90 33.34
C ASN A 211 -7.81 -23.64 34.07
N GLU A 212 -6.87 -22.80 34.59
CA GLU A 212 -7.20 -21.54 35.24
C GLU A 212 -7.79 -20.54 34.23
N GLU A 213 -7.23 -20.49 32.99
CA GLU A 213 -7.71 -19.62 31.91
C GLU A 213 -9.08 -20.07 31.41
N LEU A 214 -9.30 -21.42 31.28
CA LEU A 214 -10.57 -22.01 30.83
C LEU A 214 -11.71 -21.62 31.76
N LYS A 215 -11.46 -21.71 33.08
CA LYS A 215 -12.36 -21.36 34.18
C LYS A 215 -12.77 -19.87 34.06
N LYS A 216 -11.77 -18.98 33.94
CA LYS A 216 -11.85 -17.53 33.77
C LYS A 216 -12.61 -17.14 32.48
N CYS A 217 -12.62 -18.02 31.45
CA CYS A 217 -13.33 -17.81 30.17
C CYS A 217 -14.74 -18.40 30.21
N GLY A 218 -15.07 -19.09 31.31
CA GLY A 218 -16.37 -19.69 31.54
C GLY A 218 -16.54 -21.12 31.09
N TYR A 219 -15.46 -21.91 31.13
CA TYR A 219 -15.47 -23.32 30.73
C TYR A 219 -14.99 -24.23 31.86
N ASN A 220 -15.29 -25.54 31.74
CA ASN A 220 -14.90 -26.56 32.72
C ASN A 220 -13.47 -27.01 32.48
N GLU A 221 -12.72 -27.24 33.58
CA GLU A 221 -11.34 -27.70 33.56
C GLU A 221 -11.24 -29.11 32.98
N VAL A 222 -10.09 -29.46 32.38
CA VAL A 222 -9.85 -30.79 31.82
C VAL A 222 -8.80 -31.46 32.70
N ASN A 223 -9.18 -32.52 33.43
CA ASN A 223 -8.27 -33.19 34.36
C ASN A 223 -8.35 -34.70 34.24
N LYS B 4 -17.24 15.46 -7.50
CA LYS B 4 -16.77 14.47 -6.53
C LYS B 4 -17.84 14.24 -5.46
N LEU B 5 -18.16 12.95 -5.23
CA LEU B 5 -19.19 12.49 -4.28
C LEU B 5 -18.53 11.84 -3.07
N ARG B 6 -18.58 12.51 -1.91
CA ARG B 6 -17.92 12.09 -0.66
C ARG B 6 -18.66 10.98 0.11
N SER B 7 -20.00 10.87 -0.07
CA SER B 7 -20.85 9.91 0.63
C SER B 7 -22.01 9.46 -0.26
N VAL B 8 -22.86 8.55 0.29
CA VAL B 8 -24.02 7.95 -0.38
C VAL B 8 -25.15 9.01 -0.51
N LYS B 9 -25.24 9.95 0.45
CA LYS B 9 -26.21 11.06 0.48
C LYS B 9 -26.02 11.99 -0.73
N GLU B 10 -24.76 12.13 -1.19
CA GLU B 10 -24.35 12.96 -2.33
C GLU B 10 -24.55 12.24 -3.67
N VAL B 11 -24.78 10.92 -3.64
CA VAL B 11 -24.98 10.15 -4.87
C VAL B 11 -26.47 10.21 -5.31
N PRO B 12 -26.75 10.73 -6.54
CA PRO B 12 -28.15 10.71 -7.05
C PRO B 12 -28.63 9.29 -7.27
N GLN B 13 -29.93 9.03 -7.00
CA GLN B 13 -30.60 7.72 -7.08
C GLN B 13 -30.33 7.00 -8.40
N ASP B 14 -30.31 7.76 -9.52
CA ASP B 14 -30.10 7.25 -10.86
C ASP B 14 -28.65 6.72 -11.10
N LEU B 15 -27.74 6.80 -10.10
CA LEU B 15 -26.38 6.27 -10.22
C LEU B 15 -26.10 5.14 -9.21
N THR B 16 -26.89 5.10 -8.11
CA THR B 16 -26.75 4.17 -6.98
C THR B 16 -26.62 2.69 -7.42
N ASN B 17 -27.53 2.18 -8.26
CA ASN B 17 -27.51 0.79 -8.76
C ASN B 17 -26.24 0.45 -9.54
N THR B 18 -25.78 1.36 -10.43
CA THR B 18 -24.58 1.17 -11.24
C THR B 18 -23.33 1.17 -10.31
N LEU B 19 -23.26 2.12 -9.38
CA LEU B 19 -22.19 2.25 -8.40
C LEU B 19 -22.11 1.00 -7.50
N VAL B 20 -23.26 0.52 -7.00
CA VAL B 20 -23.32 -0.69 -6.17
C VAL B 20 -22.79 -1.89 -6.98
N ASN B 21 -23.28 -2.05 -8.23
CA ASN B 21 -22.86 -3.14 -9.11
C ASN B 21 -21.35 -3.10 -9.38
N ILE B 22 -20.76 -1.89 -9.59
CA ILE B 22 -19.31 -1.71 -9.80
C ILE B 22 -18.52 -2.22 -8.56
N ILE B 23 -18.94 -1.80 -7.34
CA ILE B 23 -18.29 -2.19 -6.08
C ILE B 23 -18.46 -3.71 -5.83
N GLU B 24 -19.67 -4.24 -6.08
CA GLU B 24 -20.01 -5.66 -5.93
C GLU B 24 -19.10 -6.52 -6.82
N LEU B 25 -18.98 -6.15 -8.11
CA LEU B 25 -18.18 -6.87 -9.11
C LEU B 25 -16.71 -6.92 -8.70
N ARG B 26 -16.16 -5.79 -8.22
CA ARG B 26 -14.79 -5.71 -7.76
C ARG B 26 -14.59 -6.53 -6.47
N ALA B 27 -15.52 -6.45 -5.50
CA ALA B 27 -15.45 -7.22 -4.25
C ALA B 27 -15.44 -8.73 -4.53
N ASP B 28 -16.32 -9.19 -5.45
CA ASP B 28 -16.47 -10.61 -5.81
C ASP B 28 -15.22 -11.15 -6.51
N PHE B 29 -14.61 -10.35 -7.40
CA PHE B 29 -13.43 -10.69 -8.15
C PHE B 29 -12.24 -10.98 -7.21
N GLU B 30 -12.05 -10.08 -6.25
CA GLU B 30 -10.95 -10.13 -5.29
C GLU B 30 -11.13 -11.22 -4.22
N LEU B 31 -12.37 -11.45 -3.76
CA LEU B 31 -12.62 -12.52 -2.78
C LEU B 31 -12.52 -13.89 -3.44
N ALA B 32 -12.86 -14.00 -4.74
CA ALA B 32 -12.69 -15.25 -5.50
C ALA B 32 -11.22 -15.64 -5.58
N VAL B 34 -8.99 -15.24 -3.36
CA VAL B 34 -8.66 -15.87 -2.08
C VAL B 34 -8.81 -17.41 -2.24
N GLU B 35 -9.95 -17.88 -2.79
CA GLU B 35 -10.22 -19.31 -3.04
C GLU B 35 -9.30 -19.91 -4.10
N GLN B 36 -9.03 -19.15 -5.16
CA GLN B 36 -8.19 -19.58 -6.30
C GLN B 36 -6.73 -19.74 -5.92
N TYR B 37 -6.18 -18.80 -5.12
CA TYR B 37 -4.77 -18.82 -4.72
C TYR B 37 -4.46 -19.60 -3.45
N SER B 38 -5.45 -19.82 -2.57
CA SER B 38 -5.27 -20.52 -1.28
C SER B 38 -4.53 -21.89 -1.38
N PRO B 39 -4.79 -22.81 -2.36
CA PRO B 39 -4.03 -24.09 -2.37
C PRO B 39 -2.51 -23.91 -2.52
N TRP B 40 -2.08 -22.79 -3.12
CA TRP B 40 -0.68 -22.50 -3.42
C TRP B 40 0.11 -21.95 -2.24
N LEU B 41 -0.52 -21.76 -1.06
CA LEU B 41 0.19 -21.37 0.18
C LEU B 41 1.13 -22.49 0.62
N VAL B 42 0.76 -23.72 0.27
CA VAL B 42 1.44 -24.95 0.61
C VAL B 42 2.15 -25.55 -0.61
N ASN B 43 1.54 -25.43 -1.81
CA ASN B 43 2.02 -26.13 -3.01
C ASN B 43 2.85 -25.31 -4.00
N ALA B 44 3.10 -24.00 -3.76
CA ALA B 44 3.94 -23.21 -4.67
C ALA B 44 5.36 -23.86 -4.74
N PRO B 45 6.05 -23.85 -5.90
CA PRO B 45 7.31 -24.61 -6.05
C PRO B 45 8.51 -24.17 -5.21
N THR B 46 8.59 -22.89 -4.81
CA THR B 46 9.73 -22.39 -3.99
C THR B 46 9.20 -21.70 -2.74
N VAL B 47 10.11 -21.38 -1.82
CA VAL B 47 9.84 -20.69 -0.56
C VAL B 47 9.33 -19.25 -0.85
N ASP B 48 10.06 -18.49 -1.70
CA ASP B 48 9.70 -17.12 -2.09
C ASP B 48 8.31 -17.07 -2.73
N SER B 49 7.95 -18.11 -3.52
CA SER B 49 6.66 -18.24 -4.21
C SER B 49 5.52 -18.37 -3.20
N ARG B 50 5.70 -19.23 -2.17
CA ARG B 50 4.73 -19.48 -1.10
C ARG B 50 4.52 -18.20 -0.28
N LEU B 51 5.61 -17.44 -0.04
CA LEU B 51 5.59 -16.18 0.69
C LEU B 51 4.80 -15.13 -0.08
N PHE B 52 4.94 -15.11 -1.41
CA PHE B 52 4.21 -14.20 -2.28
C PHE B 52 2.71 -14.50 -2.29
N VAL B 53 2.35 -15.80 -2.36
CA VAL B 53 0.96 -16.27 -2.40
C VAL B 53 0.28 -15.81 -1.11
N ALA B 54 0.99 -15.88 0.03
CA ALA B 54 0.49 -15.42 1.34
C ALA B 54 0.19 -13.91 1.30
N LYS B 55 1.09 -13.12 0.66
CA LYS B 55 0.96 -11.69 0.54
C LYS B 55 -0.24 -11.32 -0.35
N LEU B 56 -0.35 -11.97 -1.52
CA LEU B 56 -1.43 -11.74 -2.48
C LEU B 56 -2.81 -12.08 -1.84
N VAL B 57 -2.91 -13.25 -1.16
CA VAL B 57 -4.13 -13.72 -0.47
C VAL B 57 -4.54 -12.69 0.60
N SER B 58 -3.57 -12.24 1.40
CA SER B 58 -3.76 -11.23 2.45
C SER B 58 -4.27 -9.91 1.83
N ASP B 59 -3.63 -9.45 0.73
CA ASP B 59 -3.97 -8.23 -0.02
C ASP B 59 -5.41 -8.28 -0.55
N GLU B 60 -5.75 -9.35 -1.30
CA GLU B 60 -7.08 -9.50 -1.91
C GLU B 60 -8.19 -9.65 -0.85
N LEU B 61 -7.92 -10.35 0.25
CA LEU B 61 -8.91 -10.54 1.32
C LEU B 61 -9.20 -9.21 2.02
N ASN B 62 -8.14 -8.42 2.31
CA ASN B 62 -8.29 -7.13 2.96
C ASN B 62 -9.00 -6.12 2.05
N HIS B 63 -8.63 -6.01 0.75
CA HIS B 63 -9.28 -5.07 -0.19
C HIS B 63 -10.74 -5.47 -0.47
N GLY B 64 -10.97 -6.76 -0.70
CA GLY B 64 -12.30 -7.31 -0.94
C GLY B 64 -13.30 -6.95 0.16
N TRP B 65 -12.91 -7.18 1.44
CA TRP B 65 -13.79 -6.87 2.56
C TRP B 65 -13.86 -5.36 2.84
N GLN B 66 -12.87 -4.55 2.38
CA GLN B 66 -12.90 -3.07 2.48
C GLN B 66 -13.92 -2.54 1.45
N LEU B 67 -14.02 -3.23 0.30
CA LEU B 67 -14.98 -2.93 -0.76
C LEU B 67 -16.41 -3.27 -0.30
N VAL B 68 -16.57 -4.36 0.47
CA VAL B 68 -17.87 -4.82 1.01
C VAL B 68 -18.35 -3.81 2.08
N ARG B 69 -17.40 -3.26 2.88
CA ARG B 69 -17.65 -2.27 3.93
C ARG B 69 -18.30 -0.99 3.33
N LEU B 70 -17.93 -0.64 2.08
CA LEU B 70 -18.48 0.52 1.35
C LEU B 70 -19.93 0.30 0.99
N LEU B 71 -20.34 -0.96 0.77
CA LEU B 71 -21.72 -1.25 0.39
C LEU B 71 -22.70 -1.13 1.56
N GLU B 72 -22.19 -1.15 2.82
CA GLU B 72 -22.99 -1.08 4.06
C GLU B 72 -23.82 0.21 4.17
N GLU B 73 -23.31 1.32 3.63
CA GLU B 73 -24.01 2.61 3.66
C GLU B 73 -25.02 2.75 2.49
N PHE B 74 -25.01 1.81 1.52
CA PHE B 74 -25.92 1.85 0.37
C PHE B 74 -27.26 1.12 0.63
N LYS B 75 -27.40 0.45 1.80
CA LYS B 75 -28.61 -0.29 2.22
C LYS B 75 -28.91 -1.43 1.22
N VAL B 76 -27.89 -2.31 1.01
CA VAL B 76 -27.97 -3.44 0.08
C VAL B 76 -27.50 -4.74 0.79
N LYS B 77 -28.20 -5.09 1.90
CA LYS B 77 -27.88 -6.26 2.74
C LYS B 77 -27.94 -7.61 1.95
N ASP B 78 -28.84 -7.74 0.95
CA ASP B 78 -28.96 -8.92 0.09
C ASP B 78 -27.74 -9.08 -0.85
N VAL B 79 -27.19 -7.94 -1.32
CA VAL B 79 -26.01 -7.91 -2.19
C VAL B 79 -24.80 -8.33 -1.35
N ILE B 80 -24.65 -7.76 -0.13
CA ILE B 80 -23.55 -8.07 0.80
C ILE B 80 -23.59 -9.58 1.18
N GLU B 81 -24.79 -10.14 1.46
CA GLU B 81 -24.94 -11.55 1.82
C GLU B 81 -24.60 -12.47 0.64
N ARG B 82 -24.94 -12.07 -0.59
CA ARG B 82 -24.63 -12.79 -1.82
C ARG B 82 -23.10 -12.85 -2.05
N ILE B 83 -22.39 -11.71 -1.81
CA ILE B 83 -20.94 -11.62 -1.95
C ILE B 83 -20.27 -12.52 -0.90
N SER B 84 -20.74 -12.47 0.36
CA SER B 84 -20.20 -13.24 1.48
C SER B 84 -20.35 -14.74 1.28
N ASN B 85 -21.45 -15.19 0.67
CA ASN B 85 -21.76 -16.62 0.46
C ASN B 85 -21.25 -17.14 -0.88
N ALA B 86 -20.67 -16.25 -1.71
CA ALA B 86 -20.17 -16.67 -3.01
C ALA B 86 -18.94 -17.57 -2.87
N ARG B 87 -18.96 -18.68 -3.61
CA ARG B 87 -17.90 -19.69 -3.68
C ARG B 87 -17.68 -20.02 -5.13
N LEU B 88 -16.61 -20.79 -5.44
CA LEU B 88 -16.33 -21.26 -6.80
C LEU B 88 -17.58 -21.90 -7.41
N GLY B 89 -17.99 -21.40 -8.56
CA GLY B 89 -19.19 -21.86 -9.25
C GLY B 89 -20.34 -20.87 -9.28
N ILE B 90 -20.37 -19.90 -8.35
CA ILE B 90 -21.44 -18.90 -8.26
C ILE B 90 -20.87 -17.46 -8.18
N HIS B 91 -19.60 -17.27 -8.60
CA HIS B 91 -19.01 -15.93 -8.71
C HIS B 91 -19.53 -15.31 -10.01
N LYS B 92 -19.58 -13.96 -10.09
CA LYS B 92 -20.14 -13.24 -11.25
C LYS B 92 -19.36 -13.56 -12.55
N LEU B 93 -18.04 -13.40 -12.54
CA LEU B 93 -17.20 -13.64 -13.70
C LEU B 93 -16.84 -15.12 -13.86
N GLU B 94 -16.84 -15.60 -15.11
CA GLU B 94 -16.44 -16.96 -15.50
C GLU B 94 -15.00 -17.26 -15.06
N VAL B 95 -14.12 -16.26 -15.19
CA VAL B 95 -12.71 -16.35 -14.84
C VAL B 95 -12.51 -16.49 -13.30
N SER B 96 -13.50 -16.08 -12.49
CA SER B 96 -13.50 -16.19 -11.03
C SER B 96 -13.99 -17.57 -10.58
N ASN B 97 -14.57 -18.36 -11.51
CA ASN B 97 -15.09 -19.69 -11.21
C ASN B 97 -14.14 -20.79 -11.72
N LEU B 98 -12.92 -20.40 -12.10
CA LEU B 98 -11.92 -21.32 -12.62
C LEU B 98 -10.81 -21.54 -11.58
N PRO B 99 -10.59 -22.77 -11.10
CA PRO B 99 -9.49 -23.01 -10.16
C PRO B 99 -8.13 -22.90 -10.87
N LEU B 100 -7.06 -22.67 -10.09
CA LEU B 100 -5.70 -22.59 -10.64
C LEU B 100 -5.01 -23.89 -10.26
N PHE B 101 -5.14 -24.90 -11.14
CA PHE B 101 -4.71 -26.26 -10.89
C PHE B 101 -3.20 -26.44 -10.92
N ASN B 102 -2.51 -25.72 -11.81
CA ASN B 102 -1.05 -25.82 -11.99
C ASN B 102 -0.40 -24.48 -11.74
N TRP B 103 0.92 -24.49 -11.45
CA TRP B 103 1.68 -23.28 -11.16
C TRP B 103 1.68 -22.31 -12.35
N GLU B 104 1.75 -22.83 -13.60
CA GLU B 104 1.73 -21.96 -14.79
C GLU B 104 0.37 -21.22 -14.92
N ASP B 105 -0.73 -21.79 -14.36
CA ASP B 105 -2.05 -21.14 -14.31
C ASP B 105 -2.03 -19.96 -13.34
N VAL B 106 -1.29 -20.10 -12.21
CA VAL B 106 -1.12 -19.07 -11.19
C VAL B 106 -0.38 -17.88 -11.79
N ILE B 107 0.72 -18.15 -12.53
CA ILE B 107 1.55 -17.14 -13.19
C ILE B 107 0.73 -16.42 -14.25
N ALA B 108 0.13 -17.18 -15.19
CA ALA B 108 -0.67 -16.62 -16.29
C ALA B 108 -1.88 -15.86 -15.76
N PHE B 109 -2.57 -16.38 -14.71
CA PHE B 109 -3.73 -15.69 -14.10
C PHE B 109 -3.29 -14.36 -13.49
N THR B 110 -2.18 -14.34 -12.73
CA THR B 110 -1.69 -13.14 -12.06
C THR B 110 -1.30 -12.07 -13.11
N PHE B 111 -0.52 -12.48 -14.11
CA PHE B 111 -0.03 -11.58 -15.15
C PHE B 111 -1.15 -11.08 -16.06
N LEU B 112 -2.08 -11.96 -16.47
CA LEU B 112 -3.09 -11.60 -17.45
C LEU B 112 -4.44 -11.18 -16.85
N VAL B 113 -5.02 -11.93 -15.90
CA VAL B 113 -6.35 -11.63 -15.34
C VAL B 113 -6.25 -10.55 -14.27
N ASP B 114 -5.33 -10.73 -13.31
CA ASP B 114 -5.06 -9.74 -12.29
C ASP B 114 -4.45 -8.48 -12.96
N GLY B 115 -3.72 -8.69 -14.07
CA GLY B 115 -3.16 -7.65 -14.92
C GLY B 115 -4.25 -6.79 -15.56
N ALA B 116 -5.29 -7.43 -16.13
CA ALA B 116 -6.46 -6.79 -16.74
C ALA B 116 -7.30 -6.03 -15.70
N GLY B 117 -7.38 -6.57 -14.48
CA GLY B 117 -8.06 -5.97 -13.35
C GLY B 117 -7.38 -4.69 -12.87
N LEU B 118 -6.04 -4.61 -13.06
CA LEU B 118 -5.24 -3.43 -12.72
C LEU B 118 -5.53 -2.28 -13.72
N TYR B 119 -5.77 -2.61 -15.00
CA TYR B 119 -6.18 -1.64 -16.02
C TYR B 119 -7.50 -0.96 -15.62
N GLN B 120 -8.45 -1.74 -15.09
CA GLN B 120 -9.75 -1.26 -14.61
C GLN B 120 -9.60 -0.45 -13.32
N LEU B 121 -8.74 -0.91 -12.39
CA LEU B 121 -8.46 -0.28 -11.11
C LEU B 121 -7.88 1.13 -11.31
N LYS B 122 -7.03 1.29 -12.34
CA LYS B 122 -6.43 2.58 -12.69
C LYS B 122 -7.48 3.55 -13.23
N ILE B 123 -8.60 3.03 -13.74
CA ILE B 123 -9.73 3.86 -14.19
C ILE B 123 -10.58 4.25 -12.96
N LEU B 124 -10.84 3.29 -12.06
CA LEU B 124 -11.64 3.49 -10.84
C LEU B 124 -10.99 4.47 -9.84
N LYS B 125 -9.66 4.68 -9.92
CA LYS B 125 -8.96 5.62 -9.04
C LYS B 125 -9.42 7.08 -9.32
N ASP B 126 -10.10 7.30 -10.47
CA ASP B 126 -10.60 8.61 -10.91
C ASP B 126 -12.15 8.71 -10.83
N CYS B 127 -12.80 7.71 -10.17
CA CYS B 127 -14.24 7.67 -9.96
C CYS B 127 -14.70 8.91 -9.16
N SER B 128 -15.89 9.43 -9.49
CA SER B 128 -16.48 10.60 -8.81
C SER B 128 -16.78 10.28 -7.35
N PHE B 129 -17.15 9.03 -7.05
CA PHE B 129 -17.44 8.58 -5.70
C PHE B 129 -16.11 8.38 -4.92
N GLU B 130 -15.77 9.38 -4.08
CA GLU B 130 -14.54 9.48 -3.29
C GLU B 130 -14.20 8.18 -2.51
N PRO B 131 -15.11 7.52 -1.73
CA PRO B 131 -14.68 6.32 -0.99
C PRO B 131 -14.19 5.16 -1.87
N LEU B 132 -14.65 5.07 -3.14
CA LEU B 132 -14.21 4.01 -4.04
C LEU B 132 -12.88 4.38 -4.72
N SER B 133 -12.72 5.64 -5.16
CA SER B 133 -11.51 6.12 -5.82
C SER B 133 -10.31 6.05 -4.87
N THR B 134 -10.52 6.36 -3.56
CA THR B 134 -9.49 6.33 -2.51
C THR B 134 -9.06 4.88 -2.29
N LEU B 135 -10.04 3.98 -2.21
CA LEU B 135 -9.81 2.56 -2.01
C LEU B 135 -9.12 1.93 -3.23
N ALA B 136 -9.52 2.34 -4.47
CA ALA B 136 -8.91 1.85 -5.71
C ALA B 136 -7.45 2.32 -5.84
N SER B 137 -7.15 3.58 -5.46
CA SER B 137 -5.80 4.19 -5.50
C SER B 137 -4.82 3.48 -4.56
N SER B 138 -5.26 3.13 -3.32
CA SER B 138 -4.42 2.47 -2.33
C SER B 138 -4.03 1.02 -2.71
N ILE B 140 -3.37 -0.04 -5.97
CA ILE B 140 -2.57 -0.05 -7.21
C ILE B 140 -1.15 -0.54 -6.97
N LYS B 141 -0.48 -0.05 -5.90
CA LYS B 141 0.89 -0.44 -5.55
C LYS B 141 0.96 -1.97 -5.25
N GLU B 142 -0.03 -2.51 -4.51
CA GLU B 142 -0.10 -3.92 -4.16
C GLU B 142 -0.31 -4.79 -5.41
N GLU B 143 -1.20 -4.36 -6.33
CA GLU B 143 -1.46 -5.09 -7.58
C GLU B 143 -0.25 -5.05 -8.53
N GLU B 144 0.49 -3.93 -8.57
CA GLU B 144 1.69 -3.78 -9.40
C GLU B 144 2.81 -4.74 -8.94
N SER B 145 2.87 -5.06 -7.64
CA SER B 145 3.87 -6.01 -7.10
C SER B 145 3.49 -7.43 -7.50
N HIS B 146 2.18 -7.70 -7.70
CA HIS B 146 1.69 -9.01 -8.15
C HIS B 146 2.13 -9.23 -9.61
N ILE B 147 2.04 -8.17 -10.46
CA ILE B 147 2.43 -8.22 -11.88
C ILE B 147 3.94 -8.41 -12.02
N PHE B 148 4.72 -7.66 -11.21
CA PHE B 148 6.19 -7.70 -11.19
C PHE B 148 6.68 -9.12 -10.88
N PHE B 149 6.07 -9.76 -9.87
CA PHE B 149 6.37 -11.13 -9.47
C PHE B 149 6.08 -12.12 -10.60
N SER B 150 4.88 -12.03 -11.22
CA SER B 150 4.46 -12.91 -12.32
C SER B 150 5.36 -12.74 -13.55
N GLN B 151 5.87 -11.53 -13.81
CA GLN B 151 6.79 -11.24 -14.93
C GLN B 151 8.11 -11.97 -14.72
N ASN B 152 8.58 -12.02 -13.46
CA ASN B 152 9.80 -12.70 -13.06
C ASN B 152 9.62 -14.22 -13.14
N GLU B 153 8.46 -14.73 -12.71
CA GLU B 153 8.10 -16.16 -12.80
C GLU B 153 8.01 -16.62 -14.28
N LEU B 154 7.56 -15.73 -15.19
CA LEU B 154 7.46 -15.96 -16.63
C LEU B 154 8.84 -16.20 -17.24
N ARG B 155 9.78 -15.26 -17.00
CA ARG B 155 11.16 -15.30 -17.47
C ARG B 155 11.91 -16.55 -16.98
N ASN B 156 11.72 -16.93 -15.71
CA ASN B 156 12.38 -18.05 -15.04
C ASN B 156 11.75 -19.42 -15.32
N TYR B 157 10.52 -19.48 -15.90
CA TYR B 157 9.84 -20.74 -16.20
C TYR B 157 10.63 -21.53 -17.25
N GLN B 158 10.91 -22.81 -16.95
CA GLN B 158 11.73 -23.68 -17.80
C GLN B 158 10.96 -24.30 -18.96
N ASN B 159 9.77 -24.86 -18.70
CA ASN B 159 8.97 -25.46 -19.76
C ASN B 159 8.17 -24.35 -20.47
N LYS B 160 8.85 -23.62 -21.37
CA LYS B 160 8.33 -22.48 -22.13
C LYS B 160 7.08 -22.86 -22.95
N ASN B 161 7.02 -24.11 -23.46
CA ASN B 161 5.90 -24.62 -24.25
CA ASN B 161 5.91 -24.63 -24.25
C ASN B 161 4.65 -24.80 -23.38
N ARG B 162 4.83 -25.29 -22.13
CA ARG B 162 3.74 -25.51 -21.16
C ARG B 162 3.24 -24.15 -20.65
N GLN B 164 3.45 -21.29 -22.42
CA GLN B 164 2.77 -20.68 -23.57
C GLN B 164 1.31 -21.14 -23.63
N GLY B 165 1.08 -22.44 -23.37
CA GLY B 165 -0.25 -23.03 -23.34
C GLY B 165 -1.16 -22.37 -22.33
N ALA B 166 -0.62 -22.07 -21.12
CA ALA B 166 -1.31 -21.38 -20.03
C ALA B 166 -1.63 -19.93 -20.43
N ILE B 167 -0.66 -19.25 -21.08
CA ILE B 167 -0.81 -17.88 -21.60
C ILE B 167 -1.94 -17.88 -22.66
N ASN B 168 -1.91 -18.86 -23.59
CA ASN B 168 -2.90 -18.99 -24.67
C ASN B 168 -4.30 -19.28 -24.15
N PHE B 169 -4.41 -19.85 -22.94
CA PHE B 169 -5.70 -20.17 -22.31
C PHE B 169 -6.29 -18.94 -21.57
N TRP B 170 -5.48 -18.27 -20.74
CA TRP B 170 -5.91 -17.17 -19.90
C TRP B 170 -5.98 -15.82 -20.58
N PHE B 171 -5.16 -15.56 -21.63
CA PHE B 171 -5.18 -14.27 -22.34
C PHE B 171 -6.59 -13.97 -22.91
N PRO B 172 -7.26 -14.86 -23.70
CA PRO B 172 -8.61 -14.49 -24.23
C PRO B 172 -9.67 -14.34 -23.13
N ARG B 173 -9.51 -15.04 -22.01
CA ARG B 173 -10.43 -14.97 -20.86
C ARG B 173 -10.29 -13.64 -20.12
N ALA B 174 -9.07 -13.09 -20.07
CA ALA B 174 -8.79 -11.77 -19.50
C ALA B 174 -9.44 -10.68 -20.38
N VAL B 175 -9.36 -10.85 -21.72
CA VAL B 175 -9.95 -9.96 -22.72
C VAL B 175 -11.48 -10.00 -22.57
N GLU B 176 -12.08 -11.22 -22.45
CA GLU B 176 -13.52 -11.43 -22.24
C GLU B 176 -13.97 -10.73 -20.96
N LEU B 178 -12.73 -8.09 -19.52
CA LEU B 178 -12.75 -6.63 -19.73
C LEU B 178 -14.02 -6.17 -20.46
N HIS B 179 -14.67 -7.08 -21.22
CA HIS B 179 -15.90 -6.82 -21.97
C HIS B 179 -17.15 -6.91 -21.09
N THR B 181 -17.98 -5.23 -18.52
CA THR B 181 -18.47 -3.92 -18.07
C THR B 181 -19.40 -3.30 -19.14
N TRP B 182 -19.37 -3.81 -20.39
CA TRP B 182 -20.13 -3.31 -21.56
C TRP B 182 -21.65 -3.36 -21.38
N SER B 183 -22.14 -4.07 -20.34
CA SER B 183 -23.57 -4.19 -20.02
C SER B 183 -24.00 -3.07 -19.06
N LEU B 184 -23.04 -2.35 -18.48
CA LEU B 184 -23.31 -1.23 -17.58
C LEU B 184 -23.80 -0.02 -18.36
N ASN B 185 -24.61 0.82 -17.71
CA ASN B 185 -25.18 2.03 -18.29
C ASN B 185 -24.06 3.05 -18.59
N GLU B 186 -23.89 3.38 -19.87
CA GLU B 186 -22.88 4.31 -20.39
C GLU B 186 -23.06 5.72 -19.82
N THR B 187 -24.31 6.19 -19.69
CA THR B 187 -24.63 7.52 -19.14
C THR B 187 -24.20 7.58 -17.67
N HIS B 188 -24.46 6.51 -16.91
CA HIS B 188 -24.11 6.40 -15.50
C HIS B 188 -22.60 6.36 -15.30
N LEU B 189 -21.87 5.72 -16.24
CA LEU B 189 -20.41 5.65 -16.16
C LEU B 189 -19.77 7.01 -16.43
N ARG B 190 -20.33 7.80 -17.35
CA ARG B 190 -19.84 9.16 -17.66
C ARG B 190 -20.04 10.06 -16.45
N ASP B 191 -21.21 9.94 -15.77
CA ASP B 191 -21.56 10.69 -14.57
C ASP B 191 -20.65 10.33 -13.38
N LEU B 192 -20.15 9.08 -13.36
CA LEU B 192 -19.23 8.58 -12.33
C LEU B 192 -17.76 8.73 -12.75
N ASN B 193 -17.52 9.32 -13.95
CA ASN B 193 -16.19 9.59 -14.52
C ASN B 193 -15.37 8.28 -14.70
N ILE B 194 -16.04 7.20 -15.14
CA ILE B 194 -15.36 5.91 -15.34
C ILE B 194 -15.78 5.26 -16.68
N SER B 195 -16.21 6.08 -17.66
CA SER B 195 -16.63 5.64 -19.01
C SER B 195 -15.49 4.94 -19.77
N ASP B 196 -14.21 5.18 -19.39
CA ASP B 196 -13.03 4.56 -19.99
C ASP B 196 -13.07 3.03 -19.87
N LEU B 197 -13.80 2.49 -18.86
CA LEU B 197 -13.97 1.05 -18.62
C LEU B 197 -14.52 0.30 -19.83
N THR B 198 -15.50 0.90 -20.54
CA THR B 198 -16.23 0.29 -21.67
C THR B 198 -15.72 0.71 -23.05
N LYS B 199 -14.62 1.50 -23.10
CA LYS B 199 -14.02 1.93 -24.38
C LYS B 199 -13.20 0.81 -24.96
N ASN B 200 -13.15 0.73 -26.30
CA ASN B 200 -12.37 -0.28 -27.02
C ASN B 200 -10.86 -0.02 -26.90
N ASP B 201 -10.47 1.23 -26.59
CA ASP B 201 -9.09 1.68 -26.42
C ASP B 201 -8.42 0.95 -25.27
N LEU B 202 -9.16 0.70 -24.17
CA LEU B 202 -8.68 -0.03 -23.00
C LEU B 202 -8.34 -1.46 -23.38
N ILE B 203 -9.23 -2.14 -24.13
CA ILE B 203 -9.05 -3.51 -24.57
C ILE B 203 -7.92 -3.57 -25.62
N ASN B 204 -7.89 -2.64 -26.59
CA ASN B 204 -6.83 -2.61 -27.61
C ASN B 204 -5.46 -2.32 -26.99
N GLY B 205 -5.43 -1.39 -26.02
CA GLY B 205 -4.22 -1.01 -25.28
C GLY B 205 -3.74 -2.14 -24.40
N TYR B 206 -4.67 -2.89 -23.78
CA TYR B 206 -4.35 -4.04 -22.95
C TYR B 206 -3.71 -5.12 -23.81
N ILE B 207 -4.33 -5.48 -24.96
CA ILE B 207 -3.81 -6.53 -25.86
C ILE B 207 -2.40 -6.14 -26.37
N LYS B 208 -2.24 -4.90 -26.88
CA LYS B 208 -0.99 -4.38 -27.42
C LYS B 208 0.14 -4.42 -26.38
N THR B 209 -0.06 -3.82 -25.19
CA THR B 209 0.94 -3.74 -24.12
C THR B 209 1.29 -5.14 -23.59
N THR B 210 0.28 -5.99 -23.34
CA THR B 210 0.44 -7.35 -22.84
C THR B 210 1.26 -8.19 -23.82
N ASN B 211 0.96 -8.11 -25.14
CA ASN B 211 1.71 -8.85 -26.16
C ASN B 211 3.17 -8.35 -26.23
N GLU B 212 3.42 -7.05 -26.02
CA GLU B 212 4.78 -6.48 -25.99
C GLU B 212 5.50 -6.98 -24.74
N GLU B 213 4.81 -6.97 -23.58
CA GLU B 213 5.32 -7.45 -22.30
C GLU B 213 5.64 -8.94 -22.37
N LEU B 214 4.78 -9.73 -23.06
CA LEU B 214 4.95 -11.18 -23.25
C LEU B 214 6.21 -11.50 -24.03
N LYS B 215 6.46 -10.74 -25.13
CA LYS B 215 7.63 -10.92 -26.00
C LYS B 215 8.93 -10.57 -25.26
N LYS B 216 8.92 -9.49 -24.45
CA LYS B 216 10.06 -9.03 -23.64
C LYS B 216 10.47 -10.09 -22.60
N CYS B 217 9.54 -10.99 -22.21
CA CYS B 217 9.76 -12.09 -21.28
C CYS B 217 10.12 -13.40 -22.04
N GLY B 218 10.15 -13.35 -23.38
CA GLY B 218 10.51 -14.49 -24.23
C GLY B 218 9.39 -15.43 -24.64
N TYR B 219 8.16 -14.91 -24.81
CA TYR B 219 7.01 -15.72 -25.22
C TYR B 219 6.36 -15.18 -26.49
N ASN B 220 5.52 -16.02 -27.13
CA ASN B 220 4.80 -15.66 -28.34
C ASN B 220 3.55 -14.85 -28.01
N GLU B 221 3.24 -13.85 -28.84
CA GLU B 221 2.07 -12.99 -28.74
C GLU B 221 0.78 -13.81 -28.95
N VAL B 222 -0.33 -13.35 -28.37
CA VAL B 222 -1.63 -14.00 -28.52
C VAL B 222 -2.54 -13.08 -29.33
N ASN B 223 -3.09 -13.59 -30.43
CA ASN B 223 -4.00 -12.80 -31.23
C ASN B 223 -5.42 -13.26 -30.93
N TYR B 224 -6.27 -12.30 -30.48
CA TYR B 224 -7.67 -12.49 -30.10
C TYR B 224 -8.58 -12.32 -31.33
N LYS C 4 -18.46 -2.26 19.45
CA LYS C 4 -18.09 -1.24 18.47
C LYS C 4 -19.17 -0.15 18.33
N LEU C 5 -18.72 1.12 18.28
CA LEU C 5 -19.54 2.33 18.09
C LEU C 5 -19.31 2.81 16.65
N ARG C 6 -20.34 2.70 15.79
CA ARG C 6 -20.20 3.05 14.37
C ARG C 6 -20.71 4.46 14.03
N SER C 7 -21.29 5.17 15.00
CA SER C 7 -21.79 6.54 14.79
C SER C 7 -21.54 7.41 16.02
N VAL C 8 -21.80 8.73 15.86
CA VAL C 8 -21.69 9.77 16.88
C VAL C 8 -22.84 9.60 17.90
N LYS C 9 -23.98 9.01 17.45
CA LYS C 9 -25.17 8.72 18.27
C LYS C 9 -24.87 7.63 19.31
N GLU C 10 -23.98 6.68 18.95
CA GLU C 10 -23.55 5.55 19.77
C GLU C 10 -22.44 5.94 20.76
N VAL C 11 -21.84 7.13 20.60
CA VAL C 11 -20.78 7.58 21.50
C VAL C 11 -21.38 8.31 22.71
N PRO C 12 -21.16 7.82 23.97
CA PRO C 12 -21.66 8.54 25.15
C PRO C 12 -20.97 9.90 25.29
N GLN C 13 -21.71 10.94 25.75
CA GLN C 13 -21.25 12.32 25.92
C GLN C 13 -19.90 12.42 26.67
N ASP C 14 -19.69 11.53 27.65
CA ASP C 14 -18.49 11.45 28.48
C ASP C 14 -17.23 11.17 27.65
N LEU C 15 -17.36 10.37 26.58
CA LEU C 15 -16.25 9.99 25.69
C LEU C 15 -15.98 10.95 24.51
N THR C 16 -16.98 11.78 24.13
CA THR C 16 -16.92 12.67 22.97
C THR C 16 -15.69 13.60 22.95
N ASN C 17 -15.42 14.34 24.04
CA ASN C 17 -14.28 15.26 24.14
C ASN C 17 -12.93 14.58 23.97
N THR C 18 -12.71 13.40 24.60
CA THR C 18 -11.46 12.65 24.51
C THR C 18 -11.29 12.13 23.06
N LEU C 19 -12.36 11.57 22.48
CA LEU C 19 -12.38 11.04 21.11
C LEU C 19 -12.09 12.15 20.10
N VAL C 20 -12.72 13.33 20.25
CA VAL C 20 -12.49 14.49 19.39
C VAL C 20 -11.01 14.90 19.50
N ASN C 21 -10.48 15.04 20.75
CA ASN C 21 -9.09 15.41 20.98
C ASN C 21 -8.11 14.39 20.35
N ILE C 22 -8.40 13.08 20.40
CA ILE C 22 -7.58 12.03 19.77
C ILE C 22 -7.52 12.23 18.24
N ILE C 23 -8.69 12.46 17.59
CA ILE C 23 -8.80 12.66 16.14
C ILE C 23 -8.12 13.99 15.74
N GLU C 24 -8.33 15.06 16.52
CA GLU C 24 -7.73 16.38 16.31
C GLU C 24 -6.21 16.29 16.34
N LEU C 25 -5.64 15.65 17.37
CA LEU C 25 -4.19 15.47 17.54
C LEU C 25 -3.59 14.72 16.36
N ARG C 26 -4.27 13.65 15.89
CA ARG C 26 -3.82 12.86 14.77
C ARG C 26 -3.88 13.67 13.46
N ALA C 27 -4.99 14.40 13.24
CA ALA C 27 -5.19 15.24 12.06
C ALA C 27 -4.10 16.32 11.97
N ASP C 28 -3.78 16.97 13.12
CA ASP C 28 -2.79 18.05 13.18
C ASP C 28 -1.36 17.55 12.89
N PHE C 29 -0.98 16.37 13.44
CA PHE C 29 0.33 15.75 13.26
C PHE C 29 0.61 15.47 11.75
N GLU C 30 -0.38 14.87 11.08
CA GLU C 30 -0.37 14.46 9.68
C GLU C 30 -0.40 15.66 8.70
N LEU C 31 -1.21 16.70 8.98
CA LEU C 31 -1.27 17.89 8.14
C LEU C 31 0.01 18.74 8.31
N ALA C 32 0.64 18.71 9.51
CA ALA C 32 1.92 19.39 9.72
C ALA C 32 3.02 18.77 8.87
N VAL C 34 2.71 17.68 5.91
CA VAL C 34 2.54 18.26 4.57
C VAL C 34 3.49 19.47 4.46
N GLU C 35 3.48 20.40 5.45
CA GLU C 35 4.36 21.58 5.49
C GLU C 35 5.82 21.21 5.66
N GLN C 36 6.11 20.22 6.49
CA GLN C 36 7.48 19.77 6.79
C GLN C 36 8.17 19.09 5.62
N TYR C 37 7.43 18.26 4.86
CA TYR C 37 7.99 17.51 3.74
C TYR C 37 7.91 18.22 2.38
N SER C 38 6.98 19.19 2.23
CA SER C 38 6.76 19.92 0.97
C SER C 38 8.05 20.51 0.31
N PRO C 39 9.04 21.14 1.03
CA PRO C 39 10.23 21.66 0.32
C PRO C 39 11.03 20.58 -0.41
N TRP C 40 10.94 19.32 0.05
CA TRP C 40 11.68 18.19 -0.49
C TRP C 40 11.09 17.57 -1.76
N LEU C 41 9.94 18.08 -2.25
CA LEU C 41 9.38 17.66 -3.55
C LEU C 41 10.31 18.06 -4.70
N VAL C 42 11.06 19.14 -4.47
CA VAL C 42 11.99 19.76 -5.41
C VAL C 42 13.45 19.49 -5.00
N ASN C 43 13.73 19.47 -3.68
CA ASN C 43 15.11 19.41 -3.19
C ASN C 43 15.65 18.06 -2.73
N ALA C 44 14.84 16.97 -2.76
CA ALA C 44 15.35 15.64 -2.39
C ALA C 44 16.54 15.26 -3.31
N PRO C 45 17.59 14.54 -2.80
CA PRO C 45 18.81 14.34 -3.60
C PRO C 45 18.69 13.49 -4.87
N THR C 46 17.74 12.56 -4.94
CA THR C 46 17.58 11.71 -6.14
C THR C 46 16.14 11.80 -6.66
N VAL C 47 15.92 11.23 -7.85
CA VAL C 47 14.62 11.16 -8.52
C VAL C 47 13.64 10.31 -7.66
N ASP C 48 14.06 9.08 -7.27
CA ASP C 48 13.26 8.15 -6.47
C ASP C 48 12.84 8.79 -5.13
N SER C 49 13.73 9.61 -4.53
CA SER C 49 13.52 10.32 -3.28
C SER C 49 12.39 11.35 -3.41
N ARG C 50 12.42 12.15 -4.48
CA ARG C 50 11.42 13.17 -4.81
C ARG C 50 10.06 12.52 -5.04
N LEU C 51 10.05 11.35 -5.71
CA LEU C 51 8.84 10.57 -6.00
C LEU C 51 8.22 10.06 -4.69
N PHE C 52 9.06 9.65 -3.74
CA PHE C 52 8.61 9.16 -2.44
C PHE C 52 7.99 10.29 -1.60
N VAL C 53 8.63 11.49 -1.62
CA VAL C 53 8.17 12.67 -0.88
C VAL C 53 6.78 13.04 -1.40
N ALA C 54 6.55 12.93 -2.70
CA ALA C 54 5.25 13.19 -3.33
C ALA C 54 4.19 12.22 -2.81
N LYS C 55 4.57 10.92 -2.67
CA LYS C 55 3.68 9.86 -2.19
C LYS C 55 3.33 10.10 -0.70
N LEU C 56 4.33 10.38 0.13
CA LEU C 56 4.16 10.63 1.56
C LEU C 56 3.26 11.87 1.79
N VAL C 57 3.52 12.98 1.07
CA VAL C 57 2.75 14.23 1.15
C VAL C 57 1.29 13.96 0.79
N SER C 58 1.06 13.21 -0.30
CA SER C 58 -0.25 12.81 -0.79
C SER C 58 -0.97 11.95 0.27
N ASP C 59 -0.26 10.97 0.87
CA ASP C 59 -0.77 10.08 1.92
C ASP C 59 -1.22 10.84 3.16
N GLU C 60 -0.31 11.67 3.73
CA GLU C 60 -0.56 12.45 4.94
C GLU C 60 -1.68 13.51 4.74
N LEU C 61 -1.76 14.14 3.55
CA LEU C 61 -2.80 15.12 3.25
C LEU C 61 -4.17 14.44 3.15
N ASN C 62 -4.24 13.30 2.44
CA ASN C 62 -5.48 12.55 2.29
C ASN C 62 -5.98 12.00 3.62
N HIS C 63 -5.10 11.36 4.42
CA HIS C 63 -5.50 10.79 5.72
C HIS C 63 -5.88 11.92 6.72
N GLY C 64 -5.10 12.99 6.76
CA GLY C 64 -5.33 14.16 7.60
C GLY C 64 -6.69 14.79 7.39
N TRP C 65 -7.12 15.00 6.13
CA TRP C 65 -8.44 15.57 5.85
C TRP C 65 -9.53 14.52 6.02
N GLN C 66 -9.19 13.21 5.99
CA GLN C 66 -10.16 12.14 6.23
CA GLN C 66 -10.17 12.15 6.24
C GLN C 66 -10.46 12.09 7.74
N LEU C 67 -9.47 12.50 8.58
CA LEU C 67 -9.58 12.58 10.03
C LEU C 67 -10.45 13.78 10.39
N VAL C 68 -10.21 14.92 9.70
CA VAL C 68 -10.96 16.17 9.86
C VAL C 68 -12.43 15.91 9.49
N ARG C 69 -12.67 15.15 8.38
CA ARG C 69 -13.99 14.77 7.89
C ARG C 69 -14.77 13.94 8.91
N LEU C 70 -14.09 13.19 9.82
CA LEU C 70 -14.75 12.43 10.89
C LEU C 70 -15.38 13.37 11.91
N LEU C 71 -14.69 14.49 12.21
CA LEU C 71 -15.12 15.47 13.21
C LEU C 71 -16.37 16.24 12.80
N GLU C 72 -16.68 16.34 11.50
CA GLU C 72 -17.84 17.08 10.98
C GLU C 72 -19.18 16.66 11.61
N GLU C 73 -19.29 15.38 12.04
CA GLU C 73 -20.49 14.81 12.63
C GLU C 73 -20.59 15.07 14.17
N PHE C 74 -19.46 15.49 14.80
CA PHE C 74 -19.35 15.73 16.25
C PHE C 74 -19.76 17.16 16.65
N LYS C 75 -20.00 18.04 15.65
CA LYS C 75 -20.41 19.44 15.82
C LYS C 75 -19.33 20.23 16.61
N VAL C 76 -18.10 20.21 16.07
CA VAL C 76 -16.91 20.87 16.63
C VAL C 76 -16.25 21.75 15.54
N LYS C 77 -17.02 22.71 14.98
CA LYS C 77 -16.60 23.62 13.91
C LYS C 77 -15.36 24.48 14.28
N ASP C 78 -15.22 24.87 15.57
CA ASP C 78 -14.07 25.65 16.06
C ASP C 78 -12.78 24.79 16.08
N VAL C 79 -12.91 23.49 16.38
CA VAL C 79 -11.79 22.54 16.38
C VAL C 79 -11.33 22.31 14.92
N ILE C 80 -12.28 22.09 13.99
CA ILE C 80 -12.01 21.88 12.57
C ILE C 80 -11.32 23.14 11.98
N GLU C 81 -11.81 24.36 12.33
CA GLU C 81 -11.23 25.62 11.85
C GLU C 81 -9.80 25.82 12.39
N ARG C 82 -9.54 25.42 13.65
CA ARG C 82 -8.23 25.50 14.29
C ARG C 82 -7.23 24.57 13.57
N ILE C 83 -7.66 23.34 13.23
CA ILE C 83 -6.84 22.36 12.50
C ILE C 83 -6.51 22.91 11.09
N SER C 84 -7.52 23.45 10.39
CA SER C 84 -7.38 23.98 9.03
C SER C 84 -6.44 25.18 8.96
N ASN C 85 -6.42 26.03 10.00
CA ASN C 85 -5.60 27.24 10.04
C ASN C 85 -4.25 27.01 10.68
N ALA C 86 -3.98 25.79 11.18
CA ALA C 86 -2.71 25.48 11.82
C ALA C 86 -1.58 25.49 10.81
N ARG C 87 -0.48 26.17 11.16
CA ARG C 87 0.75 26.30 10.39
C ARG C 87 1.92 26.11 11.34
N LEU C 88 3.17 26.00 10.81
CA LEU C 88 4.39 25.85 11.59
C LEU C 88 4.46 26.95 12.63
N GLY C 89 4.57 26.55 13.90
CA GLY C 89 4.61 27.45 15.04
C GLY C 89 3.40 27.36 15.95
N ILE C 90 2.25 26.88 15.43
CA ILE C 90 1.00 26.79 16.20
C ILE C 90 0.40 25.35 16.12
N HIS C 91 1.22 24.34 15.75
CA HIS C 91 0.78 22.95 15.80
C HIS C 91 0.85 22.49 17.26
N LYS C 92 0.04 21.48 17.65
CA LYS C 92 -0.03 20.99 19.03
C LYS C 92 1.33 20.46 19.52
N LEU C 93 1.95 19.53 18.77
CA LEU C 93 3.23 18.94 19.14
C LEU C 93 4.42 19.79 18.70
N GLU C 94 5.46 19.83 19.56
CA GLU C 94 6.73 20.53 19.32
C GLU C 94 7.42 20.00 18.06
N VAL C 95 7.35 18.68 17.86
CA VAL C 95 7.95 17.96 16.74
C VAL C 95 7.28 18.34 15.39
N SER C 96 6.01 18.82 15.43
CA SER C 96 5.26 19.30 14.26
C SER C 96 5.62 20.76 13.91
N ASN C 97 6.29 21.47 14.83
CA ASN C 97 6.65 22.89 14.62
C ASN C 97 8.12 23.03 14.22
N LEU C 98 8.77 21.90 13.88
CA LEU C 98 10.17 21.88 13.49
C LEU C 98 10.32 21.60 12.01
N PRO C 99 10.91 22.52 11.23
CA PRO C 99 11.10 22.25 9.79
C PRO C 99 12.19 21.19 9.58
N LEU C 100 12.18 20.54 8.41
CA LEU C 100 13.18 19.52 8.07
C LEU C 100 14.13 20.17 7.08
N PHE C 101 15.18 20.82 7.62
CA PHE C 101 16.12 21.64 6.86
C PHE C 101 17.09 20.85 5.99
N ASN C 102 17.53 19.67 6.46
CA ASN C 102 18.48 18.83 5.76
CA ASN C 102 18.44 18.86 5.68
C ASN C 102 17.84 17.46 5.43
N TRP C 103 18.39 16.75 4.43
CA TRP C 103 17.90 15.44 4.00
C TRP C 103 17.98 14.40 5.14
N GLU C 104 19.03 14.45 5.98
CA GLU C 104 19.18 13.54 7.13
C GLU C 104 18.07 13.76 8.16
N ASP C 105 17.50 14.99 8.24
CA ASP C 105 16.36 15.30 9.13
C ASP C 105 15.09 14.64 8.60
N VAL C 106 14.93 14.57 7.27
CA VAL C 106 13.80 13.94 6.58
C VAL C 106 13.83 12.43 6.88
N ILE C 107 15.02 11.80 6.75
CA ILE C 107 15.23 10.37 7.00
C ILE C 107 14.94 10.06 8.47
N ALA C 108 15.62 10.78 9.39
CA ALA C 108 15.48 10.58 10.84
C ALA C 108 14.05 10.86 11.29
N PHE C 109 13.39 11.92 10.78
CA PHE C 109 12.00 12.25 11.12
C PHE C 109 11.07 11.10 10.69
N THR C 110 11.22 10.62 9.45
CA THR C 110 10.37 9.55 8.89
C THR C 110 10.53 8.27 9.71
N PHE C 111 11.78 7.85 9.94
CA PHE C 111 12.09 6.64 10.67
C PHE C 111 11.71 6.70 12.15
N LEU C 112 11.98 7.83 12.82
CA LEU C 112 11.75 7.94 14.25
C LEU C 112 10.42 8.57 14.66
N VAL C 113 10.01 9.72 14.08
CA VAL C 113 8.80 10.44 14.49
C VAL C 113 7.58 9.82 13.84
N ASP C 114 7.64 9.63 12.52
CA ASP C 114 6.58 8.96 11.77
C ASP C 114 6.53 7.47 12.21
N GLY C 115 7.69 6.93 12.62
CA GLY C 115 7.84 5.59 13.17
C GLY C 115 7.07 5.42 14.47
N ALA C 116 7.24 6.40 15.40
CA ALA C 116 6.56 6.47 16.69
C ALA C 116 5.04 6.65 16.52
N GLY C 117 4.64 7.40 15.50
CA GLY C 117 3.24 7.63 15.14
C GLY C 117 2.55 6.37 14.63
N LEU C 118 3.34 5.45 14.04
CA LEU C 118 2.84 4.15 13.55
C LEU C 118 2.54 3.22 14.74
N TYR C 119 3.35 3.30 15.83
CA TYR C 119 3.13 2.56 17.07
C TYR C 119 1.75 2.93 17.67
N GLN C 120 1.40 4.23 17.62
CA GLN C 120 0.13 4.76 18.12
C GLN C 120 -1.03 4.36 17.20
N LEU C 121 -0.81 4.42 15.88
CA LEU C 121 -1.78 4.07 14.83
C LEU C 121 -2.20 2.61 14.96
N LYS C 122 -1.25 1.72 15.31
CA LYS C 122 -1.50 0.28 15.51
C LYS C 122 -2.36 0.04 16.76
N ILE C 123 -2.37 0.99 17.69
CA ILE C 123 -3.23 0.92 18.88
C ILE C 123 -4.64 1.42 18.48
N LEU C 124 -4.71 2.53 17.71
CA LEU C 124 -5.98 3.14 17.27
C LEU C 124 -6.80 2.23 16.32
N LYS C 125 -6.15 1.24 15.68
CA LYS C 125 -6.83 0.31 14.78
C LYS C 125 -7.84 -0.57 15.58
N ASP C 126 -7.68 -0.63 16.92
CA ASP C 126 -8.51 -1.41 17.82
C ASP C 126 -9.48 -0.53 18.65
N CYS C 127 -9.61 0.76 18.30
CA CYS C 127 -10.52 1.71 18.97
C CYS C 127 -11.99 1.24 18.85
N SER C 128 -12.81 1.51 19.87
CA SER C 128 -14.24 1.16 19.94
C SER C 128 -15.05 1.93 18.90
N PHE C 129 -14.59 3.14 18.53
CA PHE C 129 -15.25 3.99 17.54
C PHE C 129 -14.83 3.56 16.12
N GLU C 130 -15.65 2.68 15.50
CA GLU C 130 -15.51 2.07 14.17
C GLU C 130 -14.96 3.05 13.10
N PRO C 131 -15.53 4.27 12.86
CA PRO C 131 -14.98 5.13 11.80
C PRO C 131 -13.49 5.48 11.98
N LEU C 132 -13.01 5.62 13.25
CA LEU C 132 -11.60 5.93 13.52
C LEU C 132 -10.73 4.67 13.35
N SER C 133 -11.22 3.50 13.86
CA SER C 133 -10.48 2.24 13.76
C SER C 133 -10.31 1.80 12.30
N THR C 134 -11.33 2.05 11.46
CA THR C 134 -11.31 1.73 10.03
C THR C 134 -10.29 2.63 9.32
N LEU C 135 -10.32 3.93 9.64
CA LEU C 135 -9.42 4.91 9.07
C LEU C 135 -7.96 4.65 9.49
N ALA C 136 -7.72 4.29 10.76
CA ALA C 136 -6.38 4.00 11.27
C ALA C 136 -5.80 2.74 10.62
N SER C 137 -6.64 1.69 10.48
CA SER C 137 -6.27 0.41 9.87
C SER C 137 -5.83 0.56 8.42
N SER C 138 -6.57 1.37 7.62
CA SER C 138 -6.26 1.60 6.21
C SER C 138 -4.94 2.38 6.00
N ILE C 140 -2.06 2.07 7.97
CA ILE C 140 -0.92 1.30 8.48
C ILE C 140 0.03 0.90 7.33
N LYS C 141 -0.53 0.36 6.22
CA LYS C 141 0.25 -0.06 5.06
C LYS C 141 1.03 1.12 4.46
N GLU C 142 0.40 2.31 4.37
CA GLU C 142 1.03 3.52 3.82
C GLU C 142 2.17 4.00 4.72
N GLU C 143 1.97 3.97 6.03
CA GLU C 143 2.99 4.38 7.01
C GLU C 143 4.17 3.40 7.05
N GLU C 144 3.91 2.08 6.88
CA GLU C 144 4.94 1.05 6.86
C GLU C 144 5.86 1.22 5.64
N SER C 145 5.33 1.74 4.50
CA SER C 145 6.14 1.99 3.30
C SER C 145 7.04 3.21 3.51
N HIS C 146 6.61 4.17 4.37
CA HIS C 146 7.42 5.33 4.74
C HIS C 146 8.63 4.88 5.57
N ILE C 147 8.42 3.93 6.52
CA ILE C 147 9.47 3.40 7.40
C ILE C 147 10.46 2.60 6.57
N PHE C 148 9.97 1.74 5.65
CA PHE C 148 10.76 0.88 4.77
C PHE C 148 11.73 1.72 3.94
N PHE C 149 11.24 2.83 3.36
CA PHE C 149 12.01 3.78 2.57
C PHE C 149 13.11 4.42 3.43
N SER C 150 12.76 4.94 4.62
CA SER C 150 13.69 5.60 5.54
C SER C 150 14.78 4.63 6.03
N GLN C 151 14.45 3.34 6.22
CA GLN C 151 15.40 2.29 6.64
C GLN C 151 16.47 2.09 5.57
N ASN C 152 16.04 2.13 4.29
CA ASN C 152 16.90 1.98 3.12
C ASN C 152 17.78 3.23 2.97
N GLU C 153 17.22 4.42 3.21
CA GLU C 153 17.97 5.68 3.16
C GLU C 153 19.04 5.72 4.26
N LEU C 154 18.73 5.17 5.46
CA LEU C 154 19.66 5.08 6.59
C LEU C 154 20.90 4.25 6.25
N ARG C 155 20.69 3.03 5.69
CA ARG C 155 21.74 2.09 5.27
C ARG C 155 22.65 2.69 4.18
N ASN C 156 22.04 3.37 3.20
CA ASN C 156 22.72 3.96 2.04
C ASN C 156 23.37 5.33 2.31
N TYR C 157 23.06 5.99 3.44
CA TYR C 157 23.63 7.30 3.78
C TYR C 157 25.15 7.19 3.97
N GLN C 158 25.92 8.04 3.27
CA GLN C 158 27.39 8.01 3.25
C GLN C 158 28.02 8.69 4.48
N ASN C 159 27.57 9.90 4.84
CA ASN C 159 28.10 10.61 6.01
C ASN C 159 27.39 10.10 7.27
N LYS C 160 27.82 8.91 7.75
CA LYS C 160 27.26 8.20 8.91
C LYS C 160 27.30 9.05 10.20
N ASN C 161 28.33 9.90 10.35
CA ASN C 161 28.51 10.82 11.47
C ASN C 161 27.43 11.90 11.49
N ARG C 162 27.11 12.47 10.30
CA ARG C 162 26.08 13.50 10.11
C ARG C 162 24.68 12.91 10.31
N GLN C 164 24.06 10.20 12.23
CA GLN C 164 23.97 9.89 13.66
C GLN C 164 23.51 11.11 14.47
N GLY C 165 24.01 12.30 14.12
CA GLY C 165 23.64 13.55 14.76
C GLY C 165 22.15 13.81 14.64
N ALA C 166 21.58 13.57 13.44
CA ALA C 166 20.15 13.72 13.14
C ALA C 166 19.33 12.70 13.95
N ILE C 167 19.81 11.45 14.05
CA ILE C 167 19.20 10.39 14.84
C ILE C 167 19.17 10.81 16.33
N ASN C 168 20.33 11.31 16.84
CA ASN C 168 20.49 11.76 18.23
C ASN C 168 19.60 12.96 18.57
N PHE C 169 19.21 13.75 17.57
CA PHE C 169 18.33 14.91 17.74
C PHE C 169 16.84 14.50 17.77
N TRP C 170 16.41 13.68 16.79
CA TRP C 170 15.00 13.31 16.62
C TRP C 170 14.53 12.15 17.50
N PHE C 171 15.42 11.22 17.91
CA PHE C 171 15.04 10.08 18.75
C PHE C 171 14.39 10.57 20.08
N PRO C 172 15.01 11.47 20.90
CA PRO C 172 14.36 11.86 22.18
C PRO C 172 13.07 12.64 21.97
N ARG C 173 12.93 13.34 20.84
CA ARG C 173 11.74 14.12 20.49
C ARG C 173 10.57 13.20 20.13
N ALA C 174 10.87 12.06 19.49
CA ALA C 174 9.91 11.02 19.17
C ALA C 174 9.38 10.37 20.46
N VAL C 175 10.30 10.13 21.44
CA VAL C 175 10.00 9.56 22.76
C VAL C 175 9.10 10.55 23.54
N GLU C 176 9.45 11.86 23.53
CA GLU C 176 8.66 12.94 24.16
C GLU C 176 7.26 12.98 23.58
N LEU C 178 5.49 10.57 22.25
CA LEU C 178 4.72 9.42 22.73
C LEU C 178 4.15 9.65 24.14
N HIS C 179 4.79 10.52 24.93
CA HIS C 179 4.37 10.86 26.30
C HIS C 179 3.24 11.88 26.32
N THR C 181 0.30 11.76 25.17
CA THR C 181 -1.03 11.17 25.36
C THR C 181 -1.33 10.99 26.87
N TRP C 182 -0.29 11.05 27.74
CA TRP C 182 -0.36 10.85 29.19
C TRP C 182 -1.28 11.86 29.92
N SER C 183 -1.68 12.94 29.24
CA SER C 183 -2.59 13.94 29.81
C SER C 183 -4.05 13.59 29.53
N LEU C 184 -4.30 12.62 28.63
CA LEU C 184 -5.66 12.16 28.30
C LEU C 184 -6.23 11.34 29.44
N ASN C 185 -7.57 11.38 29.57
CA ASN C 185 -8.32 10.64 30.61
C ASN C 185 -8.16 9.14 30.40
N GLU C 186 -7.54 8.46 31.38
CA GLU C 186 -7.27 7.02 31.39
C GLU C 186 -8.54 6.19 31.35
N THR C 187 -9.61 6.63 32.05
CA THR C 187 -10.91 5.95 32.09
C THR C 187 -11.54 5.98 30.69
N HIS C 188 -11.44 7.14 30.01
CA HIS C 188 -11.97 7.36 28.66
C HIS C 188 -11.21 6.53 27.62
N LEU C 189 -9.89 6.39 27.77
CA LEU C 189 -9.09 5.59 26.84
C LEU C 189 -9.41 4.11 26.99
N ARG C 190 -9.64 3.65 28.24
CA ARG C 190 -10.02 2.30 28.59
C ARG C 190 -11.35 1.94 27.90
N ASP C 191 -12.36 2.85 27.99
CA ASP C 191 -13.70 2.74 27.39
C ASP C 191 -13.65 2.74 25.86
N LEU C 192 -12.62 3.40 25.28
CA LEU C 192 -12.42 3.47 23.84
C LEU C 192 -11.46 2.37 23.36
N ASN C 193 -11.00 1.50 24.28
CA ASN C 193 -10.10 0.36 24.04
C ASN C 193 -8.77 0.81 23.40
N ILE C 194 -8.22 1.93 23.90
CA ILE C 194 -6.95 2.48 23.40
C ILE C 194 -6.03 2.92 24.57
N SER C 195 -6.21 2.33 25.75
CA SER C 195 -5.44 2.60 26.97
C SER C 195 -3.95 2.27 26.81
N ASP C 196 -3.59 1.39 25.84
CA ASP C 196 -2.21 1.01 25.51
C ASP C 196 -1.35 2.20 25.12
N LEU C 197 -1.98 3.31 24.62
CA LEU C 197 -1.31 4.55 24.21
C LEU C 197 -0.48 5.18 25.33
N THR C 198 -0.98 5.13 26.59
CA THR C 198 -0.38 5.76 27.76
C THR C 198 0.43 4.81 28.65
N LYS C 199 0.58 3.54 28.24
CA LYS C 199 1.37 2.55 28.98
C LYS C 199 2.85 2.79 28.69
N ASN C 200 3.75 2.61 29.67
N ASN C 200 3.73 2.58 29.68
CA ASN C 200 5.15 2.88 29.35
CA ASN C 200 5.17 2.79 29.50
C ASN C 200 5.81 1.66 28.64
C ASN C 200 5.81 1.64 28.69
N ASP C 201 5.06 0.53 28.46
CA ASP C 201 5.47 -0.65 27.68
C ASP C 201 5.61 -0.25 26.19
N LEU C 202 4.72 0.64 25.70
CA LEU C 202 4.74 1.17 24.35
C LEU C 202 6.04 1.96 24.13
N ILE C 203 6.40 2.83 25.08
CA ILE C 203 7.59 3.66 25.00
C ILE C 203 8.85 2.78 25.16
N ASN C 204 8.84 1.82 26.11
CA ASN C 204 9.98 0.91 26.31
C ASN C 204 10.20 0.00 25.09
N GLY C 205 9.09 -0.49 24.50
CA GLY C 205 9.09 -1.32 23.31
C GLY C 205 9.55 -0.55 22.08
N TYR C 206 9.14 0.73 21.98
CA TYR C 206 9.56 1.62 20.90
C TYR C 206 11.06 1.85 20.97
N ILE C 207 11.61 2.21 22.16
CA ILE C 207 13.04 2.48 22.35
C ILE C 207 13.87 1.22 22.01
N LYS C 208 13.47 0.06 22.56
CA LYS C 208 14.15 -1.22 22.37
C LYS C 208 14.22 -1.61 20.88
N THR C 209 13.05 -1.67 20.19
CA THR C 209 12.96 -2.06 18.78
C THR C 209 13.70 -1.07 17.88
N THR C 210 13.50 0.25 18.10
CA THR C 210 14.15 1.31 17.33
C THR C 210 15.68 1.22 17.46
N ASN C 211 16.21 1.02 18.68
CA ASN C 211 17.66 0.88 18.89
C ASN C 211 18.19 -0.39 18.23
N GLU C 212 17.38 -1.47 18.19
CA GLU C 212 17.71 -2.72 17.51
C GLU C 212 17.74 -2.52 16.00
N GLU C 213 16.76 -1.77 15.41
CA GLU C 213 16.79 -1.55 13.96
C GLU C 213 17.79 -0.45 13.56
N LEU C 214 18.21 0.41 14.52
CA LEU C 214 19.26 1.39 14.27
C LEU C 214 20.60 0.65 14.19
N LYS C 215 20.77 -0.38 15.08
CA LYS C 215 21.94 -1.26 15.15
CA LYS C 215 21.95 -1.26 15.14
C LYS C 215 22.05 -2.05 13.82
N LYS C 216 20.93 -2.66 13.38
CA LYS C 216 20.75 -3.45 12.15
C LYS C 216 21.04 -2.64 10.88
N CYS C 217 20.99 -1.29 10.97
CA CYS C 217 21.21 -0.36 9.86
C CYS C 217 22.63 0.23 9.88
N GLY C 218 23.39 -0.07 10.92
CA GLY C 218 24.77 0.37 11.07
C GLY C 218 24.96 1.69 11.80
N TYR C 219 24.10 1.95 12.81
CA TYR C 219 24.18 3.17 13.62
C TYR C 219 24.25 2.84 15.11
N ASN C 220 24.67 3.84 15.92
CA ASN C 220 24.77 3.72 17.36
C ASN C 220 23.40 3.95 18.01
N GLU C 221 23.11 3.16 19.05
CA GLU C 221 21.87 3.24 19.83
C GLU C 221 21.78 4.58 20.57
N VAL C 222 20.55 5.04 20.86
CA VAL C 222 20.33 6.30 21.60
C VAL C 222 19.74 5.94 22.96
N ASN C 223 20.39 6.46 24.03
CA ASN C 223 20.02 6.27 25.44
C ASN C 223 19.20 7.46 25.94
N GLN D 3 6.35 5.60 -40.23
CA GLN D 3 7.03 4.45 -39.62
C GLN D 3 7.66 4.87 -38.27
N LYS D 4 7.39 4.09 -37.22
CA LYS D 4 7.80 4.37 -35.84
C LYS D 4 9.22 3.91 -35.50
N LEU D 5 9.86 4.63 -34.55
CA LEU D 5 11.20 4.38 -34.00
C LEU D 5 11.00 3.92 -32.56
N ARG D 6 11.41 2.67 -32.24
CA ARG D 6 11.17 2.04 -30.93
C ARG D 6 12.30 2.21 -29.92
N SER D 7 13.50 2.60 -30.37
CA SER D 7 14.69 2.74 -29.54
C SER D 7 15.55 3.93 -29.98
N VAL D 8 16.58 4.28 -29.18
CA VAL D 8 17.55 5.33 -29.47
C VAL D 8 18.47 4.85 -30.63
N LYS D 9 18.70 3.51 -30.74
CA LYS D 9 19.51 2.89 -31.80
C LYS D 9 18.87 3.11 -33.19
N GLU D 10 17.53 3.20 -33.24
CA GLU D 10 16.74 3.42 -34.45
C GLU D 10 16.65 4.92 -34.82
N VAL D 11 17.07 5.81 -33.91
CA VAL D 11 17.03 7.25 -34.16
C VAL D 11 18.34 7.70 -34.86
N PRO D 12 18.24 8.26 -36.10
CA PRO D 12 19.46 8.79 -36.76
C PRO D 12 20.07 9.94 -35.97
N GLN D 13 21.43 10.04 -35.94
CA GLN D 13 22.22 11.07 -35.22
C GLN D 13 21.70 12.50 -35.49
N ASP D 14 21.24 12.77 -36.72
CA ASP D 14 20.69 14.06 -37.16
C ASP D 14 19.44 14.47 -36.33
N LEU D 15 18.60 13.49 -35.93
CA LEU D 15 17.38 13.72 -35.16
C LEU D 15 17.55 13.78 -33.63
N THR D 16 18.62 13.18 -33.10
CA THR D 16 18.89 13.03 -31.66
C THR D 16 18.82 14.34 -30.87
N ASN D 17 19.50 15.42 -31.32
CA ASN D 17 19.52 16.72 -30.65
C ASN D 17 18.13 17.36 -30.56
N THR D 18 17.32 17.30 -31.63
CA THR D 18 15.96 17.88 -31.64
C THR D 18 15.05 17.09 -30.69
N LEU D 19 15.13 15.74 -30.76
CA LEU D 19 14.36 14.83 -29.93
C LEU D 19 14.70 15.03 -28.44
N VAL D 20 16.00 15.15 -28.11
CA VAL D 20 16.47 15.41 -26.75
C VAL D 20 15.92 16.76 -26.27
N ASN D 21 16.04 17.83 -27.10
CA ASN D 21 15.55 19.16 -26.77
C ASN D 21 14.04 19.16 -26.51
N ILE D 22 13.25 18.41 -27.30
CA ILE D 22 11.80 18.28 -27.14
C ILE D 22 11.48 17.66 -25.75
N ILE D 23 12.16 16.56 -25.38
CA ILE D 23 11.96 15.83 -24.12
C ILE D 23 12.43 16.71 -22.93
N GLU D 24 13.59 17.39 -23.07
CA GLU D 24 14.16 18.29 -22.08
C GLU D 24 13.19 19.43 -21.76
N LEU D 25 12.64 20.10 -22.81
CA LEU D 25 11.70 21.21 -22.67
C LEU D 25 10.44 20.78 -21.93
N ARG D 26 9.91 19.60 -22.25
CA ARG D 26 8.72 19.05 -21.61
C ARG D 26 9.02 18.66 -20.15
N ALA D 27 10.18 18.03 -19.89
CA ALA D 27 10.59 17.66 -18.53
C ALA D 27 10.73 18.90 -17.64
N ASP D 28 11.37 19.98 -18.17
CA ASP D 28 11.59 21.23 -17.43
C ASP D 28 10.27 21.96 -17.11
N PHE D 29 9.32 21.97 -18.05
CA PHE D 29 8.00 22.58 -17.91
C PHE D 29 7.21 21.94 -16.76
N GLU D 30 7.18 20.58 -16.74
CA GLU D 30 6.47 19.78 -15.75
C GLU D 30 7.08 19.89 -14.38
N LEU D 31 8.43 19.81 -14.28
CA LEU D 31 9.13 19.88 -13.01
C LEU D 31 9.03 21.28 -12.42
N ALA D 32 8.95 22.33 -13.26
CA ALA D 32 8.75 23.70 -12.79
C ALA D 32 7.38 23.86 -12.12
N VAL D 34 5.90 21.68 -10.33
CA VAL D 34 6.05 21.14 -8.99
C VAL D 34 6.37 22.31 -8.04
N GLU D 35 7.35 23.17 -8.38
CA GLU D 35 7.73 24.36 -7.60
C GLU D 35 6.62 25.39 -7.52
N GLN D 36 5.92 25.61 -8.64
CA GLN D 36 4.86 26.62 -8.77
C GLN D 36 3.61 26.26 -7.98
N TYR D 37 3.21 24.98 -7.97
CA TYR D 37 1.99 24.51 -7.29
C TYR D 37 2.21 24.07 -5.83
N SER D 38 3.45 23.71 -5.44
CA SER D 38 3.76 23.22 -4.09
C SER D 38 3.26 24.11 -2.93
N PRO D 39 3.35 25.48 -2.94
CA PRO D 39 2.81 26.25 -1.79
C PRO D 39 1.31 26.04 -1.53
N TRP D 40 0.55 25.66 -2.57
CA TRP D 40 -0.89 25.50 -2.52
C TRP D 40 -1.35 24.16 -1.92
N LEU D 41 -0.41 23.27 -1.53
CA LEU D 41 -0.75 22.01 -0.83
C LEU D 41 -1.32 22.33 0.56
N VAL D 42 -0.90 23.47 1.10
CA VAL D 42 -1.26 23.97 2.41
C VAL D 42 -2.23 25.17 2.31
N ASN D 43 -2.05 26.03 1.28
CA ASN D 43 -2.78 27.30 1.19
C ASN D 43 -3.98 27.36 0.26
N ALA D 44 -4.33 26.28 -0.47
CA ALA D 44 -5.52 26.28 -1.35
C ALA D 44 -6.78 26.58 -0.51
N PRO D 45 -7.79 27.31 -1.04
CA PRO D 45 -8.91 27.76 -0.19
C PRO D 45 -9.84 26.68 0.40
N THR D 46 -9.97 25.52 -0.25
CA THR D 46 -10.82 24.44 0.26
C THR D 46 -10.03 23.13 0.38
N VAL D 47 -10.62 22.13 1.03
CA VAL D 47 -10.04 20.80 1.21
C VAL D 47 -9.90 20.11 -0.17
N ASP D 48 -10.98 20.11 -0.99
CA ASP D 48 -10.99 19.51 -2.34
C ASP D 48 -9.90 20.11 -3.24
N SER D 49 -9.65 21.43 -3.10
CA SER D 49 -8.64 22.20 -3.84
C SER D 49 -7.23 21.71 -3.48
N ARG D 50 -6.97 21.50 -2.18
CA ARG D 50 -5.69 21.01 -1.62
C ARG D 50 -5.41 19.59 -2.10
N LEU D 51 -6.48 18.77 -2.19
CA LEU D 51 -6.42 17.39 -2.66
C LEU D 51 -6.07 17.36 -4.13
N PHE D 52 -6.62 18.31 -4.92
CA PHE D 52 -6.33 18.41 -6.35
C PHE D 52 -4.88 18.83 -6.62
N VAL D 53 -4.38 19.81 -5.84
CA VAL D 53 -3.01 20.33 -5.94
C VAL D 53 -2.04 19.19 -5.67
N ALA D 54 -2.35 18.31 -4.70
CA ALA D 54 -1.56 17.12 -4.38
C ALA D 54 -1.51 16.17 -5.56
N LYS D 55 -2.66 15.98 -6.25
CA LYS D 55 -2.79 15.10 -7.42
C LYS D 55 -1.99 15.66 -8.61
N LEU D 56 -2.12 16.96 -8.89
CA LEU D 56 -1.42 17.63 -9.98
C LEU D 56 0.11 17.57 -9.77
N VAL D 57 0.58 17.87 -8.53
CA VAL D 57 2.00 17.86 -8.14
C VAL D 57 2.56 16.45 -8.33
N SER D 58 1.81 15.44 -7.88
CA SER D 58 2.15 14.02 -8.00
C SER D 58 2.26 13.63 -9.48
N ASP D 59 1.27 14.03 -10.32
CA ASP D 59 1.19 13.78 -11.75
C ASP D 59 2.38 14.37 -12.50
N GLU D 60 2.64 15.68 -12.32
CA GLU D 60 3.71 16.42 -12.99
C GLU D 60 5.10 15.91 -12.59
N LEU D 61 5.29 15.53 -11.31
CA LEU D 61 6.56 15.01 -10.83
C LEU D 61 6.82 13.62 -11.43
N ASN D 62 5.76 12.80 -11.57
CA ASN D 62 5.74 11.48 -12.20
C ASN D 62 6.00 11.62 -13.73
N HIS D 63 5.23 12.48 -14.44
CA HIS D 63 5.44 12.75 -15.87
C HIS D 63 6.92 13.19 -16.09
N GLY D 64 7.34 14.21 -15.35
CA GLY D 64 8.66 14.82 -15.41
C GLY D 64 9.84 13.89 -15.26
N TRP D 65 9.77 12.95 -14.32
N TRP D 65 9.76 12.94 -14.29
CA TRP D 65 10.90 12.05 -14.12
CA TRP D 65 10.81 11.95 -14.03
C TRP D 65 10.82 10.81 -15.06
C TRP D 65 10.83 10.89 -15.14
N GLN D 66 9.66 10.57 -15.70
CA GLN D 66 9.52 9.56 -16.74
C GLN D 66 10.15 10.10 -18.04
N LEU D 67 10.05 11.42 -18.27
CA LEU D 67 10.69 12.10 -19.41
C LEU D 67 12.22 12.15 -19.26
N VAL D 68 12.72 12.49 -18.06
CA VAL D 68 14.15 12.51 -17.73
C VAL D 68 14.70 11.06 -17.84
N ARG D 69 13.87 10.03 -17.51
CA ARG D 69 14.23 8.62 -17.63
C ARG D 69 14.43 8.24 -19.12
N LEU D 70 13.71 8.90 -20.06
CA LEU D 70 13.87 8.67 -21.49
C LEU D 70 15.24 9.16 -21.97
N LEU D 71 15.74 10.25 -21.38
CA LEU D 71 17.01 10.90 -21.75
C LEU D 71 18.23 10.06 -21.40
N GLU D 72 18.13 9.17 -20.40
CA GLU D 72 19.20 8.29 -19.92
C GLU D 72 19.79 7.42 -21.05
N GLU D 73 18.93 7.01 -22.00
CA GLU D 73 19.28 6.17 -23.16
C GLU D 73 19.95 6.98 -24.28
N PHE D 74 19.94 8.32 -24.21
CA PHE D 74 20.48 9.21 -25.24
C PHE D 74 21.92 9.67 -24.97
N LYS D 75 22.49 9.33 -23.79
CA LYS D 75 23.85 9.69 -23.36
C LYS D 75 24.01 11.24 -23.32
N VAL D 76 23.13 11.91 -22.53
CA VAL D 76 23.09 13.37 -22.38
C VAL D 76 23.08 13.73 -20.87
N LYS D 77 24.13 13.29 -20.15
CA LYS D 77 24.30 13.47 -18.70
C LYS D 77 24.28 14.97 -18.26
N ASP D 78 24.81 15.88 -19.10
CA ASP D 78 24.85 17.33 -18.84
C ASP D 78 23.44 17.94 -18.92
N VAL D 79 22.61 17.42 -19.85
CA VAL D 79 21.22 17.86 -20.03
C VAL D 79 20.39 17.40 -18.82
N ILE D 80 20.55 16.12 -18.41
CA ILE D 80 19.86 15.54 -17.25
C ILE D 80 20.24 16.35 -15.94
N GLU D 81 21.53 16.69 -15.77
N GLU D 81 21.52 16.69 -15.74
CA GLU D 81 22.05 17.47 -14.63
CA GLU D 81 21.95 17.46 -14.56
C GLU D 81 21.41 18.85 -14.59
C GLU D 81 21.37 18.88 -14.57
N ARG D 82 21.30 19.51 -15.76
CA ARG D 82 20.71 20.85 -15.90
CA ARG D 82 20.71 20.85 -15.95
C ARG D 82 19.23 20.83 -15.54
N ILE D 83 18.48 19.78 -15.96
CA ILE D 83 17.06 19.63 -15.65
C ILE D 83 16.89 19.43 -14.13
N SER D 84 17.70 18.57 -13.52
CA SER D 84 17.64 18.23 -12.09
C SER D 84 17.94 19.43 -11.19
N ASN D 85 18.85 20.32 -11.62
CA ASN D 85 19.28 21.48 -10.84
C ASN D 85 18.45 22.73 -11.13
N ALA D 86 17.56 22.68 -12.14
CA ALA D 86 16.75 23.84 -12.51
C ALA D 86 15.74 24.16 -11.42
N ARG D 87 15.71 25.43 -11.04
CA ARG D 87 14.82 26.02 -10.04
C ARG D 87 14.23 27.28 -10.63
N LEU D 88 13.25 27.89 -9.93
CA LEU D 88 12.65 29.16 -10.35
C LEU D 88 13.75 30.20 -10.64
N GLY D 89 13.70 30.76 -11.86
CA GLY D 89 14.68 31.73 -12.32
C GLY D 89 15.61 31.21 -13.40
N ILE D 90 15.78 29.88 -13.53
CA ILE D 90 16.67 29.28 -14.53
C ILE D 90 15.95 28.17 -15.33
N HIS D 91 14.60 28.19 -15.33
CA HIS D 91 13.82 27.29 -16.19
C HIS D 91 13.83 27.88 -17.61
N LYS D 92 13.66 27.04 -18.65
CA LYS D 92 13.72 27.50 -20.03
C LYS D 92 12.66 28.55 -20.35
N LEU D 93 11.38 28.24 -20.06
CA LEU D 93 10.27 29.14 -20.34
C LEU D 93 10.09 30.20 -19.27
N GLU D 94 9.76 31.43 -19.70
CA GLU D 94 9.48 32.57 -18.82
C GLU D 94 8.31 32.28 -17.89
N VAL D 95 7.30 31.58 -18.42
CA VAL D 95 6.08 31.16 -17.73
C VAL D 95 6.39 30.15 -16.61
N SER D 96 7.52 29.45 -16.71
CA SER D 96 8.00 28.46 -15.73
C SER D 96 8.81 29.12 -14.61
N ASN D 97 9.15 30.41 -14.77
CA ASN D 97 9.92 31.18 -13.77
C ASN D 97 9.04 32.19 -13.03
N LEU D 98 7.72 32.03 -13.16
CA LEU D 98 6.74 32.90 -12.52
C LEU D 98 6.03 32.15 -11.40
N PRO D 99 6.11 32.63 -10.13
CA PRO D 99 5.40 31.91 -9.06
C PRO D 99 3.89 32.20 -9.15
N LEU D 100 3.09 31.32 -8.53
CA LEU D 100 1.63 31.45 -8.51
C LEU D 100 1.28 31.95 -7.11
N PHE D 101 1.28 33.28 -6.94
CA PHE D 101 1.10 33.92 -5.64
C PHE D 101 -0.34 33.91 -5.13
N ASN D 102 -1.31 33.99 -6.04
CA ASN D 102 -2.72 34.01 -5.66
C ASN D 102 -3.46 32.80 -6.27
N TRP D 103 -4.60 32.42 -5.67
CA TRP D 103 -5.39 31.28 -6.12
C TRP D 103 -5.89 31.46 -7.55
N GLU D 104 -6.24 32.71 -7.97
CA GLU D 104 -6.70 32.99 -9.34
C GLU D 104 -5.56 32.78 -10.35
N ASP D 105 -4.28 32.90 -9.93
CA ASP D 105 -3.11 32.62 -10.78
C ASP D 105 -2.99 31.11 -11.01
N VAL D 106 -3.32 30.29 -10.00
CA VAL D 106 -3.32 28.83 -10.04
C VAL D 106 -4.37 28.36 -11.05
N ILE D 107 -5.59 28.93 -10.97
CA ILE D 107 -6.71 28.61 -11.86
C ILE D 107 -6.35 29.00 -13.30
N ALA D 108 -5.97 30.28 -13.52
CA ALA D 108 -5.63 30.79 -14.85
C ALA D 108 -4.43 30.05 -15.44
N PHE D 109 -3.38 29.74 -14.62
CA PHE D 109 -2.21 29.00 -15.09
C PHE D 109 -2.61 27.59 -15.55
N THR D 110 -3.43 26.88 -14.75
CA THR D 110 -3.85 25.52 -15.07
C THR D 110 -4.69 25.51 -16.35
N PHE D 111 -5.66 26.40 -16.44
CA PHE D 111 -6.55 26.48 -17.59
C PHE D 111 -5.85 26.95 -18.87
N LEU D 112 -4.99 27.97 -18.77
CA LEU D 112 -4.36 28.56 -19.94
C LEU D 112 -2.97 28.02 -20.28
N VAL D 113 -2.05 27.90 -19.32
CA VAL D 113 -0.66 27.49 -19.59
C VAL D 113 -0.58 25.97 -19.68
N ASP D 114 -1.15 25.27 -18.68
CA ASP D 114 -1.21 23.83 -18.68
C ASP D 114 -2.17 23.38 -19.82
N GLY D 115 -3.14 24.23 -20.15
CA GLY D 115 -4.07 24.05 -21.27
C GLY D 115 -3.36 24.07 -22.60
N ALA D 116 -2.46 25.06 -22.81
CA ALA D 116 -1.63 25.23 -24.01
C ALA D 116 -0.63 24.08 -24.16
N GLY D 117 -0.12 23.56 -23.02
CA GLY D 117 0.80 22.42 -22.97
C GLY D 117 0.12 21.14 -23.41
N LEU D 118 -1.21 21.03 -23.17
CA LEU D 118 -2.02 19.87 -23.57
C LEU D 118 -2.19 19.87 -25.11
N TYR D 119 -2.28 21.06 -25.74
CA TYR D 119 -2.35 21.19 -27.20
C TYR D 119 -1.09 20.62 -27.85
N GLN D 120 0.07 20.87 -27.25
CA GLN D 120 1.38 20.37 -27.71
C GLN D 120 1.50 18.86 -27.48
N LEU D 121 1.01 18.38 -26.32
CA LEU D 121 1.04 16.98 -25.92
C LEU D 121 0.20 16.12 -26.86
N LYS D 122 -0.92 16.66 -27.37
CA LYS D 122 -1.80 15.99 -28.33
C LYS D 122 -1.11 15.85 -29.71
N ILE D 123 -0.11 16.71 -30.00
CA ILE D 123 0.70 16.61 -31.22
C ILE D 123 1.77 15.53 -31.00
N LEU D 124 2.44 15.54 -29.81
CA LEU D 124 3.51 14.61 -29.43
C LEU D 124 3.03 13.15 -29.33
N LYS D 125 1.71 12.91 -29.14
CA LYS D 125 1.16 11.56 -29.06
C LYS D 125 1.31 10.83 -30.42
N ASP D 126 1.58 11.58 -31.50
CA ASP D 126 1.74 11.07 -32.87
C ASP D 126 3.20 11.08 -33.32
N CYS D 127 4.14 11.31 -32.38
CA CYS D 127 5.57 11.31 -32.65
C CYS D 127 6.02 9.94 -33.18
N SER D 128 6.90 9.93 -34.22
CA SER D 128 7.44 8.69 -34.79
C SER D 128 8.26 7.92 -33.75
N PHE D 129 8.91 8.64 -32.81
CA PHE D 129 9.67 8.03 -31.70
C PHE D 129 8.68 7.52 -30.63
N GLU D 130 8.35 6.21 -30.70
CA GLU D 130 7.37 5.50 -29.86
C GLU D 130 7.54 5.72 -28.34
N PRO D 131 8.74 5.64 -27.71
CA PRO D 131 8.81 5.88 -26.25
C PRO D 131 8.21 7.23 -25.80
N LEU D 132 8.38 8.29 -26.60
CA LEU D 132 7.84 9.62 -26.31
C LEU D 132 6.34 9.67 -26.64
N SER D 133 5.93 9.10 -27.79
CA SER D 133 4.53 9.07 -28.23
C SER D 133 3.64 8.29 -27.23
N THR D 134 4.18 7.20 -26.65
CA THR D 134 3.48 6.36 -25.68
C THR D 134 3.33 7.13 -24.35
N LEU D 135 4.41 7.80 -23.94
CA LEU D 135 4.44 8.60 -22.73
C LEU D 135 3.51 9.81 -22.85
N ALA D 136 3.44 10.48 -24.04
CA ALA D 136 2.56 11.63 -24.26
C ALA D 136 1.08 11.21 -24.22
N SER D 137 0.76 10.05 -24.84
CA SER D 137 -0.60 9.49 -24.88
C SER D 137 -1.15 9.19 -23.48
N SER D 138 -0.33 8.56 -22.61
CA SER D 138 -0.72 8.18 -21.25
C SER D 138 -0.90 9.39 -20.32
N ILE D 140 -2.18 12.51 -21.33
CA ILE D 140 -3.32 13.30 -21.82
C ILE D 140 -4.52 13.26 -20.85
N LYS D 141 -4.89 12.07 -20.35
CA LYS D 141 -6.01 11.89 -19.43
C LYS D 141 -5.78 12.67 -18.13
N GLU D 142 -4.55 12.63 -17.57
CA GLU D 142 -4.19 13.36 -16.33
C GLU D 142 -4.25 14.86 -16.53
N GLU D 143 -3.76 15.36 -17.69
CA GLU D 143 -3.80 16.80 -18.00
C GLU D 143 -5.23 17.29 -18.26
N GLU D 144 -6.09 16.45 -18.87
CA GLU D 144 -7.50 16.80 -19.11
C GLU D 144 -8.28 16.96 -17.80
N SER D 145 -7.89 16.22 -16.73
CA SER D 145 -8.53 16.33 -15.41
C SER D 145 -8.10 17.64 -14.73
N HIS D 146 -6.90 18.14 -15.06
CA HIS D 146 -6.41 19.43 -14.56
C HIS D 146 -7.24 20.57 -15.16
N ILE D 147 -7.54 20.49 -16.49
CA ILE D 147 -8.32 21.49 -17.22
C ILE D 147 -9.77 21.50 -16.71
N PHE D 148 -10.37 20.30 -16.52
CA PHE D 148 -11.74 20.11 -16.03
C PHE D 148 -11.91 20.79 -14.67
N PHE D 149 -10.95 20.59 -13.75
CA PHE D 149 -10.93 21.20 -12.42
C PHE D 149 -10.87 22.73 -12.51
N SER D 150 -9.94 23.27 -13.32
CA SER D 150 -9.75 24.72 -13.51
C SER D 150 -11.00 25.37 -14.13
N GLN D 151 -11.70 24.66 -15.04
CA GLN D 151 -12.94 25.13 -15.68
C GLN D 151 -14.04 25.31 -14.63
N ASN D 152 -14.10 24.38 -13.67
CA ASN D 152 -15.06 24.40 -12.59
C ASN D 152 -14.72 25.51 -11.61
N GLU D 153 -13.42 25.73 -11.32
CA GLU D 153 -12.94 26.81 -10.45
C GLU D 153 -13.25 28.17 -11.08
N LEU D 154 -13.17 28.24 -12.41
CA LEU D 154 -13.50 29.44 -13.19
C LEU D 154 -14.98 29.83 -13.03
N ARG D 155 -15.90 28.86 -13.20
N ARG D 155 -15.92 28.87 -13.20
CA ARG D 155 -17.37 29.00 -13.09
CA ARG D 155 -17.37 29.10 -13.07
C ARG D 155 -17.80 29.41 -11.66
C ARG D 155 -17.78 29.49 -11.65
N ASN D 156 -17.14 28.86 -10.63
CA ASN D 156 -17.46 29.07 -9.22
C ASN D 156 -16.75 30.27 -8.56
N TYR D 157 -15.73 30.88 -9.22
CA TYR D 157 -15.00 32.03 -8.66
C TYR D 157 -15.96 33.22 -8.49
N GLN D 158 -15.96 33.82 -7.28
CA GLN D 158 -16.88 34.91 -6.92
C GLN D 158 -16.40 36.28 -7.43
N ASN D 159 -15.13 36.64 -7.21
CA ASN D 159 -14.60 37.92 -7.68
C ASN D 159 -14.20 37.78 -9.17
N LYS D 160 -15.22 37.85 -10.06
CA LYS D 160 -15.09 37.71 -11.51
C LYS D 160 -14.11 38.74 -12.12
N ASN D 161 -14.05 39.95 -11.55
CA ASN D 161 -13.16 41.02 -11.97
C ASN D 161 -11.69 40.66 -11.71
N ARG D 162 -11.41 40.09 -10.52
CA ARG D 162 -10.06 39.67 -10.09
C ARG D 162 -9.60 38.45 -10.92
N GLN D 164 -10.73 37.78 -14.05
CA GLN D 164 -10.51 38.30 -15.40
C GLN D 164 -9.08 38.87 -15.55
N GLY D 165 -8.61 39.59 -14.52
CA GLY D 165 -7.26 40.15 -14.48
C GLY D 165 -6.18 39.09 -14.61
N ALA D 166 -6.38 37.96 -13.93
CA ALA D 166 -5.49 36.79 -13.96
C ALA D 166 -5.51 36.15 -15.36
N ILE D 167 -6.72 36.03 -15.96
CA ILE D 167 -6.91 35.50 -17.33
C ILE D 167 -6.17 36.42 -18.33
N ASN D 168 -6.36 37.76 -18.19
CA ASN D 168 -5.73 38.77 -19.06
C ASN D 168 -4.19 38.77 -18.95
N PHE D 169 -3.65 38.30 -17.82
CA PHE D 169 -2.21 38.23 -17.58
C PHE D 169 -1.59 36.94 -18.19
N TRP D 170 -2.21 35.79 -17.92
CA TRP D 170 -1.68 34.48 -18.32
C TRP D 170 -2.01 34.07 -19.76
N PHE D 171 -3.13 34.56 -20.35
CA PHE D 171 -3.51 34.20 -21.72
C PHE D 171 -2.39 34.58 -22.72
N PRO D 172 -1.87 35.84 -22.78
CA PRO D 172 -0.83 36.16 -23.78
C PRO D 172 0.48 35.42 -23.54
N ARG D 173 0.77 35.06 -22.27
CA ARG D 173 1.98 34.33 -21.89
C ARG D 173 1.91 32.87 -22.35
N ALA D 174 0.70 32.28 -22.35
CA ALA D 174 0.42 30.93 -22.86
C ALA D 174 0.61 30.92 -24.37
N VAL D 175 0.17 31.99 -25.07
CA VAL D 175 0.30 32.17 -26.53
C VAL D 175 1.80 32.30 -26.88
N GLU D 176 2.56 33.14 -26.13
CA GLU D 176 4.02 33.31 -26.28
C GLU D 176 4.73 31.97 -26.11
N LEU D 178 3.63 28.95 -26.69
CA LEU D 178 3.39 28.11 -27.87
C LEU D 178 4.32 28.45 -29.04
N HIS D 179 4.80 29.71 -29.10
CA HIS D 179 5.71 30.21 -30.13
C HIS D 179 7.16 29.79 -29.89
N THR D 181 8.46 26.93 -29.71
CA THR D 181 8.82 25.73 -30.49
C THR D 181 9.34 26.13 -31.89
N TRP D 182 9.03 27.36 -32.33
CA TRP D 182 9.34 27.93 -33.65
C TRP D 182 10.85 27.97 -33.98
N SER D 183 11.73 27.78 -32.98
CA SER D 183 13.19 27.78 -33.15
C SER D 183 13.70 26.38 -33.50
N LEU D 184 12.86 25.34 -33.30
CA LEU D 184 13.21 23.94 -33.60
C LEU D 184 13.29 23.71 -35.10
N ASN D 185 14.17 22.77 -35.50
CA ASN D 185 14.42 22.39 -36.88
C ASN D 185 13.15 21.78 -37.49
N GLU D 186 12.61 22.45 -38.53
CA GLU D 186 11.40 22.07 -39.25
C GLU D 186 11.56 20.71 -39.95
N THR D 187 12.76 20.42 -40.52
CA THR D 187 13.05 19.16 -41.22
C THR D 187 13.01 18.00 -40.20
N HIS D 188 13.57 18.24 -39.00
CA HIS D 188 13.63 17.27 -37.91
C HIS D 188 12.23 16.99 -37.35
N LEU D 189 11.36 18.01 -37.29
CA LEU D 189 10.00 17.85 -36.79
C LEU D 189 9.15 17.02 -37.77
N ARG D 190 9.33 17.22 -39.10
CA ARG D 190 8.65 16.46 -40.15
C ARG D 190 9.05 14.97 -40.07
N ASP D 191 10.35 14.70 -39.87
CA ASP D 191 10.91 13.36 -39.69
C ASP D 191 10.38 12.67 -38.42
N LEU D 192 10.05 13.47 -37.39
CA LEU D 192 9.51 12.98 -36.11
C LEU D 192 7.98 13.04 -36.11
N ASN D 193 7.35 13.48 -37.24
CA ASN D 193 5.89 13.58 -37.45
C ASN D 193 5.23 14.51 -36.43
N ILE D 194 5.88 15.64 -36.10
CA ILE D 194 5.37 16.61 -35.11
C ILE D 194 5.52 18.06 -35.62
N SER D 195 5.49 18.26 -36.95
CA SER D 195 5.60 19.58 -37.59
C SER D 195 4.41 20.50 -37.23
N ASP D 196 3.27 19.93 -36.77
CA ASP D 196 2.08 20.66 -36.32
C ASP D 196 2.38 21.60 -35.14
N LEU D 197 3.46 21.32 -34.37
CA LEU D 197 3.91 22.10 -33.21
C LEU D 197 4.28 23.55 -33.54
N THR D 198 4.74 23.80 -34.78
CA THR D 198 5.20 25.12 -35.25
C THR D 198 4.25 25.79 -36.25
N LYS D 199 3.08 25.18 -36.51
CA LYS D 199 2.07 25.75 -37.41
C LYS D 199 1.28 26.82 -36.69
N ASN D 200 0.83 27.86 -37.44
CA ASN D 200 0.02 28.96 -36.90
C ASN D 200 -1.41 28.49 -36.54
N ASP D 201 -1.86 27.37 -37.14
CA ASP D 201 -3.18 26.77 -36.96
C ASP D 201 -3.37 26.34 -35.50
N LEU D 202 -2.30 25.81 -34.88
CA LEU D 202 -2.30 25.38 -33.48
C LEU D 202 -2.55 26.58 -32.57
N ILE D 203 -1.84 27.69 -32.81
CA ILE D 203 -1.98 28.92 -32.02
C ILE D 203 -3.35 29.57 -32.30
N ASN D 204 -3.77 29.64 -33.57
CA ASN D 204 -5.09 30.22 -33.92
C ASN D 204 -6.25 29.39 -33.32
N GLY D 205 -6.11 28.06 -33.36
CA GLY D 205 -7.07 27.12 -32.82
C GLY D 205 -7.13 27.18 -31.31
N TYR D 206 -5.96 27.37 -30.67
CA TYR D 206 -5.85 27.52 -29.21
C TYR D 206 -6.57 28.80 -28.77
N ILE D 207 -6.28 29.94 -29.42
CA ILE D 207 -6.90 31.24 -29.09
C ILE D 207 -8.43 31.16 -29.25
N LYS D 208 -8.90 30.65 -30.41
CA LYS D 208 -10.33 30.53 -30.74
C LYS D 208 -11.07 29.67 -29.72
N THR D 209 -10.60 28.42 -29.47
CA THR D 209 -11.25 27.48 -28.55
C THR D 209 -11.21 28.00 -27.10
N THR D 210 -10.06 28.53 -26.65
CA THR D 210 -9.88 29.08 -25.30
C THR D 210 -10.85 30.25 -25.07
N ASN D 211 -10.96 31.19 -26.04
CA ASN D 211 -11.88 32.32 -25.94
C ASN D 211 -13.34 31.84 -25.92
N GLU D 212 -13.66 30.75 -26.66
CA GLU D 212 -14.99 30.15 -26.68
C GLU D 212 -15.30 29.52 -25.33
N GLU D 213 -14.27 28.93 -24.69
CA GLU D 213 -14.37 28.29 -23.38
C GLU D 213 -14.53 29.34 -22.26
N LEU D 214 -13.89 30.53 -22.41
CA LEU D 214 -13.99 31.63 -21.45
C LEU D 214 -15.40 32.24 -21.43
N LYS D 215 -16.02 32.48 -22.62
CA LYS D 215 -17.37 33.03 -22.71
C LYS D 215 -18.39 32.05 -22.09
N LYS D 216 -18.18 30.73 -22.36
CA LYS D 216 -18.99 29.62 -21.84
C LYS D 216 -18.88 29.51 -20.31
N CYS D 217 -17.75 29.98 -19.72
CA CYS D 217 -17.52 29.99 -18.26
C CYS D 217 -17.97 31.32 -17.62
N GLY D 218 -18.36 32.28 -18.46
CA GLY D 218 -18.83 33.59 -18.01
C GLY D 218 -17.77 34.67 -17.89
N TYR D 219 -16.74 34.62 -18.75
CA TYR D 219 -15.65 35.60 -18.75
C TYR D 219 -15.50 36.26 -20.12
N ASN D 220 -14.79 37.39 -20.16
CA ASN D 220 -14.52 38.13 -21.40
C ASN D 220 -13.34 37.52 -22.16
N GLU D 221 -13.46 37.46 -23.50
CA GLU D 221 -12.44 36.94 -24.41
C GLU D 221 -11.19 37.82 -24.37
N VAL D 222 -10.02 37.25 -24.65
CA VAL D 222 -8.76 37.98 -24.67
C VAL D 222 -8.29 38.08 -26.13
N ASN D 223 -8.17 39.32 -26.64
N ASN D 223 -8.19 39.32 -26.64
CA ASN D 223 -7.73 39.61 -28.01
CA ASN D 223 -7.77 39.64 -28.00
C ASN D 223 -6.40 40.39 -27.94
C ASN D 223 -6.42 40.39 -27.95
N TYR D 224 -6.45 41.70 -27.63
CA TYR D 224 -5.28 42.60 -27.48
C TYR D 224 -5.69 43.93 -26.85
#